data_4XMP
#
_entry.id   4XMP
#
_cell.length_a   69.713
_cell.length_b   82.496
_cell.length_c   163.066
_cell.angle_alpha   90.000
_cell.angle_beta   90.000
_cell.angle_gamma   90.000
#
_symmetry.space_group_name_H-M   'P 21 21 21'
#
loop_
_entity.id
_entity.type
_entity.pdbx_description
1 polymer 'Envelope glycoprotein gp160,Envelope glycoprotein gp160,Envelope glycoprotein gp160'
2 polymer 'HEAVY CHAIN OF ANTIBODY VRC08'
3 polymer 'LIGHT CHAIN OF ANTIBODY VRC08'
4 non-polymer 2-acetamido-2-deoxy-beta-D-glucopyranose
5 non-polymer (R,R)-2,3-BUTANEDIOL
6 water water
#
loop_
_entity_poly.entity_id
_entity_poly.type
_entity_poly.pdbx_seq_one_letter_code
_entity_poly.pdbx_strand_id
1 'polypeptide(L)'
;VWKEAETTLFCASDAKAYETEKHNVWATHACVPTDPNPQEIHLENVTEEFNMWKNNMVEQMHTDIISLWDQSLKPCVKLT
GGSAITQACPKVTFEPIPIHYCAPAGFAILKCKDEEFNGIGPCKNVSTVQCTHGIKPVVSTQLLLNGSLAEKEVKIRCEN
ITNNAKTIIVQLVNPVKINCTRPNNGGSGSGGDIRQAHCNVNRTEWNNTLHQVVEQLRKHFNKTINFANSTGGDLEITTH
SFNCGGEFFYCNTTNLFNSTWNHTASMNSTESNDTIILPCRIKQIINMWQRVGQAMYAPPIRGVIRCESNITGLILTRDG
GNTNSTRETFRPGGGDMRDNWRSELYKYKVVKIE
;
G
2 'polypeptide(L)'
;(PCA)VQLVQSGTQMKEPGASVTISCVTSGYEFVEILINWVRQVPGRGLEWMGWMNPRGGGVNYARQFQGKVTMTRDVYR
DTAYLTLSGLTSGDTAKYFCVRGRSCCGGRRHCNGADCFNWDFQHWGQGTLVIVSPASTKGPSVFPLAPSSKSTSGGTAA
LGCLVKDYFPEPVTVSWNSGALTSGVHTFPAVLQSSGLYSLSSVVTVPSSSLGTQTYICNVNHKPSNTKVDKKVEPKSC
;
H
3 'polypeptide(L)'
;YIGVTQSPAILSVSLGERVTLSCKTSQAITPRHLVWHRQKGGQAPSLVMTGTSERASGIPDRFIGSGSGTDFTLTITRLE
AEDFAVYYCQCLEAFGQGTKLEIKRTVAAPSVFIFPPSDEQLKSGTASVVCLLNNFYPREAKVQWKVDNALQSGNSQESV
TEQDSKDSTYSLSSTLTLSKADYEKHKVYACEVTHQGLSSPVTKSFNRGEC
;
L
#
loop_
_chem_comp.id
_chem_comp.type
_chem_comp.name
_chem_comp.formula
BU3 non-polymer (R,R)-2,3-BUTANEDIOL 'C4 H10 O2'
NAG D-saccharide, beta linking 2-acetamido-2-deoxy-beta-D-glucopyranose 'C8 H15 N O6'
#
# COMPACT_ATOMS: atom_id res chain seq x y z
N TRP A 2 -33.04 -17.96 -21.76
CA TRP A 2 -31.70 -17.86 -22.33
C TRP A 2 -30.66 -17.63 -21.21
N LYS A 3 -29.41 -17.43 -21.61
CA LYS A 3 -28.30 -17.43 -20.68
C LYS A 3 -27.09 -16.73 -21.28
N GLU A 4 -26.30 -16.05 -20.46
CA GLU A 4 -25.11 -15.37 -20.97
C GLU A 4 -24.17 -16.40 -21.58
N ALA A 5 -23.48 -16.00 -22.64
CA ALA A 5 -22.61 -16.92 -23.37
C ALA A 5 -21.41 -16.19 -23.95
N GLU A 6 -20.36 -16.93 -24.25
CA GLU A 6 -19.21 -16.37 -24.92
C GLU A 6 -19.09 -16.95 -26.33
N THR A 7 -18.97 -16.07 -27.32
CA THR A 7 -18.82 -16.51 -28.69
C THR A 7 -17.97 -15.50 -29.45
N THR A 8 -17.80 -15.72 -30.74
CA THR A 8 -17.10 -14.78 -31.59
C THR A 8 -18.11 -13.90 -32.33
N LEU A 9 -18.21 -12.65 -31.93
CA LEU A 9 -19.05 -11.70 -32.65
C LEU A 9 -18.37 -11.32 -33.95
N PHE A 10 -19.16 -10.94 -34.95
CA PHE A 10 -18.57 -10.41 -36.16
C PHE A 10 -18.74 -8.89 -36.13
N CYS A 11 -17.98 -8.21 -36.98
CA CYS A 11 -17.99 -6.76 -36.94
C CYS A 11 -18.56 -6.24 -38.24
N ALA A 12 -19.13 -5.04 -38.18
CA ALA A 12 -19.67 -4.35 -39.35
C ALA A 12 -19.18 -2.90 -39.36
N SER A 13 -18.97 -2.35 -40.56
CA SER A 13 -18.51 -0.97 -40.69
C SER A 13 -18.83 -0.44 -42.08
N ASP A 14 -18.77 0.88 -42.22
CA ASP A 14 -19.03 1.53 -43.51
C ASP A 14 -17.73 1.84 -44.24
N ALA A 15 -16.74 0.97 -44.08
CA ALA A 15 -15.43 1.17 -44.70
C ALA A 15 -15.56 1.20 -46.21
N LYS A 16 -14.62 1.87 -46.86
CA LYS A 16 -14.60 1.98 -48.32
C LYS A 16 -13.34 1.34 -48.89
N ALA A 17 -13.49 0.63 -50.00
CA ALA A 17 -12.38 -0.10 -50.62
C ALA A 17 -11.21 0.79 -51.03
N TYR A 18 -11.52 2.03 -51.42
CA TYR A 18 -10.50 2.90 -52.00
C TYR A 18 -9.76 3.76 -50.97
N GLU A 19 -10.20 3.74 -49.72
CA GLU A 19 -9.52 4.49 -48.67
C GLU A 19 -8.27 3.74 -48.22
N THR A 20 -7.15 4.47 -48.16
CA THR A 20 -5.91 3.90 -47.68
C THR A 20 -5.74 4.17 -46.18
N GLU A 21 -6.68 4.90 -45.60
CA GLU A 21 -6.72 5.09 -44.17
C GLU A 21 -6.81 3.70 -43.53
N LYS A 22 -6.06 3.47 -42.47
CA LYS A 22 -5.84 2.09 -42.02
C LYS A 22 -7.04 1.40 -41.37
N HIS A 23 -7.90 2.14 -40.66
CA HIS A 23 -9.09 1.50 -40.09
C HIS A 23 -9.99 1.00 -41.24
N ASN A 24 -10.08 1.79 -42.30
CA ASN A 24 -10.83 1.36 -43.48
C ASN A 24 -10.24 0.10 -44.08
N VAL A 25 -8.92 0.06 -44.21
CA VAL A 25 -8.24 -1.07 -44.82
C VAL A 25 -8.53 -2.31 -43.97
N TRP A 26 -8.43 -2.16 -42.66
CA TRP A 26 -8.61 -3.30 -41.76
C TRP A 26 -10.06 -3.81 -41.84
N ALA A 27 -11.01 -2.89 -41.72
CA ALA A 27 -12.42 -3.24 -41.72
C ALA A 27 -12.84 -3.83 -43.06
N THR A 28 -12.13 -3.46 -44.14
CA THR A 28 -12.49 -3.99 -45.45
C THR A 28 -12.40 -5.51 -45.49
N HIS A 29 -11.43 -6.07 -44.76
CA HIS A 29 -11.27 -7.51 -44.73
C HIS A 29 -11.82 -8.16 -43.44
N ALA A 30 -11.92 -7.40 -42.36
CA ALA A 30 -12.33 -7.93 -41.06
C ALA A 30 -13.84 -7.84 -40.79
N CYS A 31 -14.53 -6.92 -41.50
CA CYS A 31 -15.94 -6.64 -41.24
C CYS A 31 -16.83 -6.77 -42.47
N VAL A 32 -18.13 -6.85 -42.23
CA VAL A 32 -19.14 -6.74 -43.28
C VAL A 32 -19.69 -5.31 -43.35
N PRO A 33 -20.45 -4.99 -44.41
CA PRO A 33 -21.11 -3.67 -44.42
C PRO A 33 -22.13 -3.52 -43.29
N THR A 34 -22.33 -2.30 -42.80
CA THR A 34 -23.28 -2.06 -41.72
C THR A 34 -24.66 -2.58 -42.08
N ASP A 35 -25.41 -3.01 -41.07
CA ASP A 35 -26.69 -3.65 -41.26
C ASP A 35 -27.67 -2.70 -41.95
N PRO A 36 -28.19 -3.09 -43.13
CA PRO A 36 -29.19 -2.24 -43.78
C PRO A 36 -30.50 -2.16 -43.00
N ASN A 37 -30.82 -3.21 -42.24
CA ASN A 37 -32.07 -3.26 -41.49
C ASN A 37 -31.86 -3.52 -40.00
N PRO A 38 -31.44 -2.49 -39.27
CA PRO A 38 -31.28 -2.58 -37.82
C PRO A 38 -32.61 -2.52 -37.08
N GLN A 39 -32.88 -3.53 -36.24
CA GLN A 39 -34.11 -3.58 -35.47
C GLN A 39 -33.84 -3.82 -33.98
N GLU A 40 -34.41 -2.97 -33.14
CA GLU A 40 -34.44 -3.19 -31.71
C GLU A 40 -35.79 -3.77 -31.33
N ILE A 41 -35.79 -4.87 -30.57
CA ILE A 41 -37.02 -5.45 -30.07
C ILE A 41 -37.07 -5.34 -28.57
N HIS A 42 -38.01 -4.53 -28.07
CA HIS A 42 -38.18 -4.38 -26.64
C HIS A 42 -38.65 -5.69 -26.03
N LEU A 43 -38.07 -6.06 -24.88
CA LEU A 43 -38.49 -7.24 -24.16
C LEU A 43 -39.37 -6.85 -22.98
N GLU A 44 -40.67 -7.13 -23.11
CA GLU A 44 -41.66 -6.72 -22.12
C GLU A 44 -41.43 -7.39 -20.78
N ASN A 45 -41.51 -6.61 -19.70
CA ASN A 45 -41.44 -7.13 -18.34
C ASN A 45 -40.19 -7.94 -18.02
N VAL A 46 -39.16 -7.83 -18.87
CA VAL A 46 -37.93 -8.58 -18.67
C VAL A 46 -36.89 -7.78 -17.88
N THR A 47 -36.32 -8.42 -16.87
CA THR A 47 -35.21 -7.87 -16.12
C THR A 47 -33.98 -8.74 -16.38
N GLU A 48 -32.81 -8.12 -16.43
CA GLU A 48 -31.59 -8.84 -16.76
C GLU A 48 -30.37 -8.22 -16.09
N GLU A 49 -29.45 -9.07 -15.65
CA GLU A 49 -28.23 -8.62 -14.98
C GLU A 49 -27.13 -8.31 -15.99
N PHE A 50 -26.53 -7.14 -15.85
CA PHE A 50 -25.39 -6.73 -16.67
C PHE A 50 -24.17 -6.50 -15.79
N ASN A 51 -22.99 -6.70 -16.35
CA ASN A 51 -21.73 -6.40 -15.66
C ASN A 51 -20.69 -5.93 -16.65
N MET A 52 -20.53 -4.61 -16.73
CA MET A 52 -19.60 -4.03 -17.68
C MET A 52 -18.14 -4.41 -17.39
N TRP A 53 -17.88 -4.84 -16.16
CA TRP A 53 -16.51 -5.14 -15.74
C TRP A 53 -16.11 -6.60 -16.01
N LYS A 54 -17.10 -7.44 -16.25
CA LYS A 54 -16.87 -8.82 -16.66
C LYS A 54 -17.73 -9.10 -17.87
N ASN A 55 -17.19 -8.74 -19.01
CA ASN A 55 -17.95 -8.75 -20.26
C ASN A 55 -17.04 -9.17 -21.40
N ASN A 56 -17.29 -10.34 -21.96
CA ASN A 56 -16.43 -10.89 -22.98
C ASN A 56 -16.47 -10.13 -24.30
N MET A 57 -17.45 -9.24 -24.46
CA MET A 57 -17.45 -8.36 -25.63
C MET A 57 -16.25 -7.43 -25.58
N VAL A 58 -15.93 -6.97 -24.37
CA VAL A 58 -14.78 -6.10 -24.14
C VAL A 58 -13.49 -6.83 -24.47
N GLU A 59 -13.42 -8.10 -24.10
CA GLU A 59 -12.23 -8.89 -24.32
C GLU A 59 -12.01 -9.10 -25.85
N GLN A 60 -13.08 -9.37 -26.59
CA GLN A 60 -12.93 -9.56 -28.04
C GLN A 60 -12.55 -8.26 -28.73
N MET A 61 -13.18 -7.16 -28.35
CA MET A 61 -12.84 -5.86 -28.95
C MET A 61 -11.37 -5.54 -28.73
N HIS A 62 -10.85 -5.82 -27.54
CA HIS A 62 -9.44 -5.59 -27.25
C HIS A 62 -8.55 -6.39 -28.18
N THR A 63 -8.88 -7.66 -28.33
CA THR A 63 -8.12 -8.51 -29.24
C THR A 63 -8.17 -7.94 -30.67
N ASP A 64 -9.35 -7.48 -31.07
CA ASP A 64 -9.55 -6.99 -32.44
C ASP A 64 -8.79 -5.68 -32.70
N ILE A 65 -8.81 -4.75 -31.75
CA ILE A 65 -8.12 -3.49 -31.97
C ILE A 65 -6.61 -3.68 -31.83
N ILE A 66 -6.17 -4.63 -31.01
CA ILE A 66 -4.76 -5.03 -31.05
C ILE A 66 -4.36 -5.50 -32.46
N SER A 67 -5.16 -6.36 -33.10
CA SER A 67 -4.78 -6.81 -34.44
C SER A 67 -4.82 -5.65 -35.43
N LEU A 68 -5.79 -4.75 -35.27
CA LEU A 68 -5.85 -3.57 -36.13
C LEU A 68 -4.53 -2.79 -36.07
N TRP A 69 -4.06 -2.53 -34.86
CA TRP A 69 -2.87 -1.72 -34.67
C TRP A 69 -1.62 -2.46 -35.16
N ASP A 70 -1.54 -3.76 -34.87
CA ASP A 70 -0.36 -4.52 -35.25
C ASP A 70 -0.22 -4.55 -36.79
N GLN A 71 -1.34 -4.51 -37.49
CA GLN A 71 -1.34 -4.57 -38.96
C GLN A 71 -1.11 -3.20 -39.60
N SER A 72 -1.49 -2.15 -38.86
CA SER A 72 -1.61 -0.79 -39.38
C SER A 72 -0.44 0.13 -39.07
N LEU A 73 -0.03 0.13 -37.80
CA LEU A 73 0.99 1.07 -37.32
C LEU A 73 2.29 0.34 -37.02
N LYS A 74 3.10 0.13 -38.04
CA LYS A 74 4.33 -0.63 -37.90
C LYS A 74 5.49 0.24 -37.41
N PRO A 75 6.07 -0.10 -36.25
CA PRO A 75 7.27 0.64 -35.80
C PRO A 75 8.50 0.24 -36.58
N CYS A 76 9.50 1.10 -36.57
CA CYS A 76 10.78 0.79 -37.20
C CYS A 76 11.50 -0.28 -36.40
N VAL A 77 11.31 -0.25 -35.09
CA VAL A 77 11.99 -1.16 -34.17
C VAL A 77 11.07 -1.52 -33.01
N LYS A 78 11.07 -2.80 -32.63
CA LYS A 78 10.34 -3.27 -31.44
C LYS A 78 11.30 -3.80 -30.38
N LEU A 79 11.19 -3.27 -29.16
CA LEU A 79 12.05 -3.69 -28.06
C LEU A 79 11.23 -4.44 -27.02
N THR A 80 10.86 -5.68 -27.33
CA THR A 80 10.16 -6.55 -26.38
C THR A 80 11.18 -7.46 -25.71
N GLY A 81 11.48 -7.18 -24.45
CA GLY A 81 12.54 -7.88 -23.74
C GLY A 81 13.88 -7.33 -24.16
N GLY A 82 14.91 -8.18 -24.14
CA GLY A 82 16.23 -7.78 -24.59
C GLY A 82 16.34 -7.82 -26.10
N SER A 83 15.31 -8.34 -26.75
CA SER A 83 15.29 -8.52 -28.19
C SER A 83 15.12 -7.20 -28.95
N ALA A 84 15.41 -7.24 -30.25
CA ALA A 84 15.21 -6.09 -31.13
C ALA A 84 14.75 -6.55 -32.50
N ILE A 85 13.63 -6.01 -32.97
CA ILE A 85 12.98 -6.44 -34.20
C ILE A 85 12.76 -5.26 -35.14
N THR A 86 13.46 -5.26 -36.28
CA THR A 86 13.45 -4.13 -37.20
C THR A 86 12.54 -4.37 -38.41
N GLN A 87 11.96 -3.29 -38.94
CA GLN A 87 11.12 -3.36 -40.14
C GLN A 87 10.85 -1.98 -40.76
N ALA A 88 10.20 -1.98 -41.93
CA ALA A 88 9.86 -0.76 -42.65
C ALA A 88 8.85 0.06 -41.86
N CYS A 89 8.98 1.39 -41.92
CA CYS A 89 8.33 2.27 -40.96
C CYS A 89 7.62 3.47 -41.61
N PRO A 90 6.83 3.22 -42.68
CA PRO A 90 6.23 4.36 -43.39
C PRO A 90 5.12 5.07 -42.60
N LYS A 91 4.99 6.37 -42.84
CA LYS A 91 3.92 7.16 -42.25
C LYS A 91 2.58 6.77 -42.83
N VAL A 92 1.52 6.86 -42.05
CA VAL A 92 0.21 6.39 -42.48
C VAL A 92 -0.91 7.37 -42.12
N THR A 93 -2.03 7.21 -42.82
CA THR A 93 -3.26 7.90 -42.48
C THR A 93 -3.99 7.03 -41.46
N PHE A 94 -4.30 7.58 -40.30
CA PHE A 94 -4.85 6.81 -39.18
C PHE A 94 -5.91 7.63 -38.47
N GLU A 95 -7.16 7.27 -38.70
CA GLU A 95 -8.29 8.01 -38.17
CA GLU A 95 -8.29 8.02 -38.17
C GLU A 95 -9.46 7.07 -37.92
N PRO A 96 -9.82 6.86 -36.64
CA PRO A 96 -10.84 5.84 -36.36
C PRO A 96 -12.19 5.99 -37.05
N ILE A 97 -12.77 4.85 -37.44
CA ILE A 97 -14.13 4.82 -37.96
C ILE A 97 -14.98 3.96 -37.03
N PRO A 98 -16.30 4.14 -37.07
CA PRO A 98 -17.15 3.34 -36.18
C PRO A 98 -17.19 1.88 -36.60
N ILE A 99 -17.06 1.02 -35.60
CA ILE A 99 -17.19 -0.41 -35.77
C ILE A 99 -18.40 -0.86 -34.97
N HIS A 100 -19.24 -1.71 -35.56
CA HIS A 100 -20.35 -2.32 -34.84
C HIS A 100 -20.00 -3.78 -34.56
N TYR A 101 -20.40 -4.29 -33.40
CA TYR A 101 -20.27 -5.72 -33.11
C TYR A 101 -21.64 -6.40 -33.16
N CYS A 102 -21.70 -7.55 -33.84
CA CYS A 102 -22.96 -8.18 -34.17
C CYS A 102 -23.01 -9.65 -33.77
N ALA A 103 -24.21 -10.09 -33.38
CA ALA A 103 -24.42 -11.45 -32.92
C ALA A 103 -24.47 -12.46 -34.07
N PRO A 104 -23.67 -13.53 -33.97
CA PRO A 104 -23.82 -14.62 -34.95
C PRO A 104 -25.11 -15.39 -34.72
N ALA A 105 -25.50 -16.22 -35.69
CA ALA A 105 -26.73 -17.00 -35.56
C ALA A 105 -26.65 -17.87 -34.32
N GLY A 106 -27.77 -17.97 -33.61
CA GLY A 106 -27.86 -18.75 -32.38
C GLY A 106 -27.63 -17.91 -31.15
N PHE A 107 -27.19 -16.67 -31.36
CA PHE A 107 -26.91 -15.75 -30.26
C PHE A 107 -27.67 -14.43 -30.44
N ALA A 108 -27.69 -13.64 -29.37
CA ALA A 108 -28.32 -12.35 -29.39
C ALA A 108 -27.55 -11.41 -28.49
N ILE A 109 -27.60 -10.12 -28.83
CA ILE A 109 -27.07 -9.08 -27.97
C ILE A 109 -28.23 -8.41 -27.26
N LEU A 110 -28.14 -8.33 -25.94
CA LEU A 110 -29.13 -7.63 -25.15
C LEU A 110 -28.62 -6.23 -24.87
N LYS A 111 -29.52 -5.26 -24.86
CA LYS A 111 -29.16 -3.86 -24.68
C LYS A 111 -29.93 -3.24 -23.53
N CYS A 112 -29.20 -2.67 -22.56
CA CYS A 112 -29.82 -1.95 -21.47
C CYS A 112 -30.32 -0.59 -21.98
N LYS A 113 -31.63 -0.40 -21.89
CA LYS A 113 -32.26 0.83 -22.35
C LYS A 113 -32.57 1.77 -21.17
N ASP A 114 -32.13 1.39 -19.97
CA ASP A 114 -32.27 2.27 -18.81
C ASP A 114 -31.14 3.29 -18.85
N GLU A 115 -31.49 4.54 -19.12
CA GLU A 115 -30.51 5.61 -19.31
C GLU A 115 -29.74 5.93 -18.04
N GLU A 116 -30.22 5.45 -16.90
CA GLU A 116 -29.57 5.74 -15.62
C GLU A 116 -28.81 4.53 -15.05
N PHE A 117 -28.66 3.50 -15.86
CA PHE A 117 -27.91 2.30 -15.46
C PHE A 117 -26.43 2.61 -15.25
N ASN A 118 -25.87 2.19 -14.12
CA ASN A 118 -24.50 2.54 -13.75
C ASN A 118 -23.46 1.60 -14.35
N GLY A 119 -23.88 0.38 -14.72
CA GLY A 119 -22.98 -0.54 -15.41
C GLY A 119 -22.89 -1.92 -14.79
N ILE A 120 -23.44 -2.09 -13.60
CA ILE A 120 -23.39 -3.38 -12.94
C ILE A 120 -24.62 -3.56 -12.06
N GLY A 121 -25.35 -4.64 -12.29
CA GLY A 121 -26.59 -4.89 -11.58
C GLY A 121 -27.73 -5.12 -12.52
N PRO A 122 -28.97 -5.15 -12.00
CA PRO A 122 -30.14 -5.45 -12.81
C PRO A 122 -30.59 -4.27 -13.67
N CYS A 123 -31.10 -4.58 -14.87
CA CYS A 123 -31.66 -3.58 -15.77
C CYS A 123 -33.10 -3.97 -16.10
N LYS A 124 -34.04 -3.08 -15.79
CA LYS A 124 -35.47 -3.37 -15.93
C LYS A 124 -36.01 -3.06 -17.33
N ASN A 125 -35.20 -2.43 -18.16
CA ASN A 125 -35.61 -2.00 -19.50
C ASN A 125 -34.63 -2.52 -20.54
N VAL A 126 -34.97 -3.65 -21.16
CA VAL A 126 -34.06 -4.39 -22.02
C VAL A 126 -34.62 -4.61 -23.41
N SER A 127 -33.74 -4.53 -24.41
CA SER A 127 -34.09 -4.83 -25.79
C SER A 127 -33.07 -5.80 -26.39
N THR A 128 -33.45 -6.47 -27.48
CA THR A 128 -32.50 -7.28 -28.24
C THR A 128 -32.10 -6.55 -29.51
N VAL A 129 -30.83 -6.64 -29.86
CA VAL A 129 -30.29 -5.98 -31.04
C VAL A 129 -29.46 -6.98 -31.83
N GLN A 130 -29.36 -6.77 -33.14
CA GLN A 130 -28.49 -7.59 -33.97
C GLN A 130 -27.06 -7.09 -33.86
N CYS A 131 -26.90 -5.77 -33.70
CA CYS A 131 -25.58 -5.14 -33.62
C CYS A 131 -25.54 -4.03 -32.56
N THR A 132 -24.36 -3.81 -31.99
CA THR A 132 -24.14 -2.63 -31.17
C THR A 132 -24.25 -1.37 -32.03
N HIS A 133 -24.29 -0.21 -31.38
CA HIS A 133 -24.07 1.05 -32.09
C HIS A 133 -22.63 1.09 -32.64
N GLY A 134 -22.35 2.08 -33.49
CA GLY A 134 -21.02 2.23 -34.04
C GLY A 134 -20.05 2.84 -33.04
N ILE A 135 -18.98 2.11 -32.76
CA ILE A 135 -18.00 2.51 -31.76
C ILE A 135 -16.66 2.81 -32.40
N LYS A 136 -16.18 4.06 -32.27
CA LYS A 136 -14.84 4.40 -32.72
C LYS A 136 -13.81 3.82 -31.72
N PRO A 137 -12.87 3.01 -32.21
CA PRO A 137 -11.89 2.40 -31.29
C PRO A 137 -10.73 3.35 -31.01
N VAL A 138 -11.05 4.45 -30.34
CA VAL A 138 -10.08 5.48 -30.07
C VAL A 138 -9.17 5.06 -28.91
N VAL A 139 -7.86 5.02 -29.16
CA VAL A 139 -6.87 4.72 -28.11
C VAL A 139 -6.34 6.02 -27.53
N SER A 140 -6.57 6.24 -26.23
CA SER A 140 -6.10 7.39 -25.52
C SER A 140 -6.03 7.07 -24.04
N THR A 141 -5.36 7.92 -23.27
CA THR A 141 -5.37 7.85 -21.83
C THR A 141 -5.97 9.12 -21.22
N GLN A 142 -6.46 8.99 -20.00
CA GLN A 142 -6.95 10.10 -19.17
C GLN A 142 -8.29 10.66 -19.67
N LEU A 143 -8.32 11.15 -20.90
CA LEU A 143 -9.54 11.71 -21.48
C LEU A 143 -10.08 10.73 -22.52
N LEU A 144 -11.37 10.41 -22.45
CA LEU A 144 -12.01 9.59 -23.46
C LEU A 144 -12.56 10.51 -24.55
N LEU A 145 -12.21 10.21 -25.78
CA LEU A 145 -12.52 11.07 -26.91
C LEU A 145 -13.48 10.44 -27.89
N ASN A 146 -14.33 11.28 -28.48
CA ASN A 146 -15.13 10.93 -29.62
C ASN A 146 -16.08 9.74 -29.36
N GLY A 147 -16.47 9.57 -28.10
CA GLY A 147 -17.35 8.51 -27.69
C GLY A 147 -18.80 8.91 -27.49
N SER A 148 -19.55 8.04 -26.83
CA SER A 148 -20.95 8.28 -26.55
C SER A 148 -21.12 9.15 -25.33
N LEU A 149 -22.25 9.86 -25.27
CA LEU A 149 -22.55 10.76 -24.15
C LEU A 149 -23.72 10.24 -23.32
N ALA A 150 -23.73 10.59 -22.05
CA ALA A 150 -24.88 10.34 -21.19
C ALA A 150 -26.03 11.28 -21.53
N GLU A 151 -27.26 10.84 -21.28
CA GLU A 151 -28.42 11.58 -21.77
C GLU A 151 -28.81 12.76 -20.89
N LYS A 152 -28.84 12.58 -19.58
CA LYS A 152 -29.40 13.58 -18.67
C LYS A 152 -28.39 14.09 -17.64
N GLU A 153 -27.61 13.20 -17.05
CA GLU A 153 -26.59 13.65 -16.09
C GLU A 153 -25.35 12.80 -16.18
N VAL A 154 -24.25 13.35 -15.70
CA VAL A 154 -22.97 12.68 -15.76
C VAL A 154 -23.06 11.33 -15.07
N LYS A 155 -22.40 10.33 -15.64
CA LYS A 155 -22.37 9.00 -15.04
C LYS A 155 -21.01 8.68 -14.48
N ILE A 156 -21.03 8.13 -13.27
CA ILE A 156 -19.83 7.64 -12.61
C ILE A 156 -19.91 6.13 -12.56
N ARG A 157 -19.01 5.45 -13.27
CA ARG A 157 -19.04 3.99 -13.39
C ARG A 157 -17.80 3.39 -12.77
N CYS A 158 -18.01 2.51 -11.80
CA CYS A 158 -16.91 1.88 -11.06
C CYS A 158 -17.43 0.59 -10.46
N GLU A 159 -16.63 -0.46 -10.53
CA GLU A 159 -17.04 -1.76 -10.04
C GLU A 159 -17.36 -1.69 -8.54
N ASN A 160 -16.53 -0.95 -7.79
CA ASN A 160 -16.90 -0.53 -6.44
C ASN A 160 -16.04 0.65 -6.02
N ILE A 161 -16.62 1.83 -5.98
CA ILE A 161 -15.84 3.05 -5.80
C ILE A 161 -15.30 3.16 -4.37
N THR A 162 -15.78 2.31 -3.47
CA THR A 162 -15.23 2.24 -2.11
C THR A 162 -13.82 1.64 -2.13
N ASN A 163 -13.51 0.92 -3.20
CA ASN A 163 -12.23 0.23 -3.38
C ASN A 163 -11.31 1.10 -4.21
N ASN A 164 -10.24 1.64 -3.62
CA ASN A 164 -9.45 2.64 -4.32
C ASN A 164 -8.60 2.03 -5.45
N ALA A 165 -8.53 0.71 -5.52
CA ALA A 165 -7.80 0.06 -6.60
C ALA A 165 -8.62 -0.04 -7.90
N LYS A 166 -9.90 0.30 -7.83
CA LYS A 166 -10.80 0.18 -8.99
C LYS A 166 -10.86 1.42 -9.85
N THR A 167 -10.82 1.20 -11.16
CA THR A 167 -10.82 2.27 -12.12
C THR A 167 -12.18 2.92 -12.18
N ILE A 168 -12.20 4.25 -12.30
CA ILE A 168 -13.43 5.03 -12.40
C ILE A 168 -13.57 5.59 -13.81
N ILE A 169 -14.68 5.24 -14.48
CA ILE A 169 -15.00 5.71 -15.82
C ILE A 169 -16.13 6.72 -15.72
N VAL A 170 -15.85 7.93 -16.18
CA VAL A 170 -16.82 9.01 -16.17
C VAL A 170 -17.34 9.19 -17.57
N GLN A 171 -18.65 9.38 -17.69
CA GLN A 171 -19.29 9.70 -18.96
C GLN A 171 -19.95 11.08 -18.88
N LEU A 172 -19.59 11.97 -19.78
CA LEU A 172 -20.13 13.32 -19.78
C LEU A 172 -21.46 13.40 -20.49
N VAL A 173 -22.22 14.47 -20.22
CA VAL A 173 -23.45 14.77 -20.94
C VAL A 173 -23.17 15.70 -22.09
N ASN A 174 -22.40 16.74 -21.81
CA ASN A 174 -22.04 17.75 -22.80
C ASN A 174 -20.60 17.56 -23.22
N PRO A 175 -20.35 17.42 -24.52
CA PRO A 175 -18.96 17.23 -24.94
C PRO A 175 -18.14 18.51 -24.85
N VAL A 176 -16.85 18.35 -24.57
CA VAL A 176 -15.94 19.48 -24.48
C VAL A 176 -14.89 19.37 -25.57
N LYS A 177 -14.87 20.35 -26.47
CA LYS A 177 -13.89 20.30 -27.55
C LYS A 177 -12.47 20.42 -27.01
N ILE A 178 -11.58 19.59 -27.52
CA ILE A 178 -10.14 19.73 -27.29
C ILE A 178 -9.48 19.80 -28.68
N ASN A 179 -8.78 20.89 -28.94
CA ASN A 179 -8.16 21.13 -30.25
C ASN A 179 -6.65 21.12 -30.14
N CYS A 180 -6.01 20.16 -30.80
CA CYS A 180 -4.57 19.98 -30.66
C CYS A 180 -3.86 20.31 -31.97
N THR A 181 -2.72 20.98 -31.87
CA THR A 181 -2.01 21.45 -33.07
C THR A 181 -0.51 21.28 -32.91
N ARG A 182 0.12 20.77 -33.96
CA ARG A 182 1.56 20.84 -34.10
C ARG A 182 1.81 21.86 -35.21
N PRO A 183 2.21 23.08 -34.83
CA PRO A 183 2.39 24.14 -35.85
C PRO A 183 3.46 23.83 -36.90
N ASN A 184 3.38 24.49 -38.06
CA ASN A 184 4.36 24.27 -39.12
C ASN A 184 5.73 24.80 -38.72
N ASP A 193 10.80 23.72 -32.42
CA ASP A 193 11.08 22.29 -32.51
C ASP A 193 9.90 21.53 -33.08
N ILE A 194 10.16 20.65 -34.04
CA ILE A 194 9.11 19.91 -34.74
C ILE A 194 8.31 18.99 -33.81
N ARG A 195 8.82 18.71 -32.63
CA ARG A 195 8.11 17.82 -31.70
C ARG A 195 7.14 18.56 -30.80
N GLN A 196 7.21 19.88 -30.82
CA GLN A 196 6.42 20.69 -29.89
C GLN A 196 5.00 20.90 -30.39
N ALA A 197 4.03 20.71 -29.52
CA ALA A 197 2.62 20.92 -29.87
C ALA A 197 1.85 21.42 -28.66
N HIS A 198 0.57 21.74 -28.85
CA HIS A 198 -0.27 22.17 -27.72
C HIS A 198 -1.73 21.82 -27.99
N CYS A 199 -2.50 21.66 -26.91
CA CYS A 199 -3.95 21.46 -26.98
C CYS A 199 -4.67 22.62 -26.30
N ASN A 200 -5.80 23.03 -26.88
CA ASN A 200 -6.62 24.10 -26.32
C ASN A 200 -7.98 23.57 -25.86
N VAL A 201 -8.41 24.03 -24.69
CA VAL A 201 -9.70 23.63 -24.11
C VAL A 201 -10.38 24.89 -23.56
N ASN A 202 -11.67 25.05 -23.86
CA ASN A 202 -12.45 26.17 -23.34
C ASN A 202 -12.57 26.08 -21.82
N ARG A 203 -12.08 27.09 -21.12
CA ARG A 203 -12.03 27.07 -19.66
C ARG A 203 -13.41 27.00 -19.07
N THR A 204 -14.34 27.82 -19.58
CA THR A 204 -15.68 27.84 -19.03
C THR A 204 -16.32 26.45 -19.16
N GLU A 205 -16.20 25.83 -20.34
CA GLU A 205 -16.75 24.49 -20.54
C GLU A 205 -16.13 23.47 -19.61
N TRP A 206 -14.81 23.53 -19.47
CA TRP A 206 -14.14 22.54 -18.64
C TRP A 206 -14.52 22.72 -17.18
N ASN A 207 -14.59 23.97 -16.73
CA ASN A 207 -14.97 24.23 -15.35
C ASN A 207 -16.41 23.75 -15.09
N ASN A 208 -17.30 23.98 -16.05
CA ASN A 208 -18.67 23.47 -15.92
C ASN A 208 -18.70 21.95 -15.89
N THR A 209 -17.78 21.31 -16.62
CA THR A 209 -17.67 19.86 -16.65
C THR A 209 -17.25 19.31 -15.29
N LEU A 210 -16.24 19.93 -14.69
CA LEU A 210 -15.80 19.50 -13.37
C LEU A 210 -16.90 19.70 -12.33
N HIS A 211 -17.66 20.78 -12.43
CA HIS A 211 -18.76 21.02 -11.52
C HIS A 211 -19.76 19.86 -11.55
N GLN A 212 -20.12 19.45 -12.77
CA GLN A 212 -21.07 18.34 -12.95
C GLN A 212 -20.51 17.03 -12.42
N VAL A 213 -19.21 16.81 -12.64
CA VAL A 213 -18.58 15.58 -12.15
C VAL A 213 -18.54 15.58 -10.63
N VAL A 214 -18.22 16.73 -10.01
CA VAL A 214 -18.22 16.83 -8.55
C VAL A 214 -19.61 16.54 -7.97
N GLU A 215 -20.64 17.08 -8.61
CA GLU A 215 -22.00 16.86 -8.16
C GLU A 215 -22.33 15.36 -8.04
N GLN A 216 -21.84 14.56 -8.99
CA GLN A 216 -22.13 13.14 -8.97
C GLN A 216 -21.23 12.40 -8.00
N LEU A 217 -19.98 12.83 -7.90
CA LEU A 217 -19.07 12.18 -6.99
C LEU A 217 -19.50 12.41 -5.56
N ARG A 218 -20.14 13.55 -5.29
CA ARG A 218 -20.62 13.87 -3.95
C ARG A 218 -21.71 12.93 -3.46
N LYS A 219 -22.32 12.21 -4.40
CA LYS A 219 -23.31 11.21 -4.01
C LYS A 219 -22.64 9.98 -3.39
N HIS A 220 -21.34 9.81 -3.64
CA HIS A 220 -20.59 8.69 -3.07
C HIS A 220 -19.73 9.15 -1.89
N PHE A 221 -19.22 10.38 -1.96
CA PHE A 221 -18.39 10.97 -0.91
C PHE A 221 -18.83 12.41 -0.67
N ASN A 222 -19.60 12.64 0.39
CA ASN A 222 -20.10 13.96 0.66
C ASN A 222 -19.00 14.79 1.34
N LYS A 223 -18.00 15.15 0.57
CA LYS A 223 -16.82 15.82 1.08
C LYS A 223 -16.33 16.86 0.09
N THR A 224 -15.33 17.64 0.51
CA THR A 224 -14.59 18.45 -0.43
C THR A 224 -14.00 17.53 -1.48
N ILE A 225 -14.17 17.89 -2.75
CA ILE A 225 -13.64 17.10 -3.86
C ILE A 225 -12.49 17.84 -4.51
N ASN A 226 -11.37 17.16 -4.63
CA ASN A 226 -10.14 17.71 -5.20
CA ASN A 226 -10.15 17.72 -5.20
C ASN A 226 -9.74 16.97 -6.48
N PHE A 227 -9.37 17.71 -7.52
CA PHE A 227 -8.79 17.13 -8.73
C PHE A 227 -7.31 17.45 -8.75
N ALA A 228 -6.45 16.44 -8.90
CA ALA A 228 -4.99 16.63 -8.87
C ALA A 228 -4.39 15.87 -10.04
N ASN A 229 -3.13 16.14 -10.37
CA ASN A 229 -2.59 15.56 -11.59
C ASN A 229 -2.01 14.16 -11.32
N SER A 230 -1.60 13.48 -12.38
CA SER A 230 -1.04 12.14 -12.23
C SER A 230 0.24 12.18 -11.43
N THR A 231 0.43 11.19 -10.57
CA THR A 231 1.60 11.17 -9.69
C THR A 231 2.58 10.03 -9.97
N GLY A 232 2.42 9.33 -11.09
CA GLY A 232 3.44 8.38 -11.45
C GLY A 232 3.03 7.42 -12.54
N GLY A 233 4.01 6.71 -13.08
CA GLY A 233 3.78 5.78 -14.16
C GLY A 233 4.50 6.21 -15.44
N ASP A 234 4.35 5.40 -16.47
CA ASP A 234 4.94 5.65 -17.78
C ASP A 234 4.31 6.88 -18.38
N LEU A 235 4.98 7.49 -19.34
CA LEU A 235 4.53 8.78 -19.86
C LEU A 235 3.13 8.73 -20.41
N GLU A 236 2.77 7.58 -20.99
CA GLU A 236 1.46 7.39 -21.57
C GLU A 236 0.35 7.59 -20.57
N ILE A 237 0.58 7.23 -19.31
CA ILE A 237 -0.51 7.37 -18.36
C ILE A 237 -0.39 8.63 -17.48
N THR A 238 0.80 9.23 -17.39
CA THR A 238 0.91 10.51 -16.67
C THR A 238 0.47 11.71 -17.52
N THR A 239 0.34 11.51 -18.82
CA THR A 239 -0.17 12.54 -19.74
C THR A 239 -1.45 12.07 -20.41
N HIS A 240 -2.16 12.99 -21.04
CA HIS A 240 -3.19 12.61 -22.03
C HIS A 240 -2.48 12.25 -23.33
N SER A 241 -2.41 10.96 -23.65
CA SER A 241 -1.80 10.54 -24.90
C SER A 241 -2.87 10.06 -25.85
N PHE A 242 -2.62 10.32 -27.14
CA PHE A 242 -3.54 10.01 -28.19
C PHE A 242 -2.75 10.09 -29.48
N ASN A 243 -3.40 9.77 -30.61
CA ASN A 243 -2.76 9.95 -31.91
C ASN A 243 -3.57 10.82 -32.86
N CYS A 244 -2.83 11.47 -33.74
CA CYS A 244 -3.41 12.42 -34.69
C CYS A 244 -2.42 12.56 -35.83
N GLY A 245 -2.90 12.47 -37.07
CA GLY A 245 -2.02 12.60 -38.22
C GLY A 245 -0.99 11.50 -38.32
N GLY A 246 -1.24 10.38 -37.65
CA GLY A 246 -0.30 9.27 -37.66
C GLY A 246 0.82 9.44 -36.65
N GLU A 247 0.75 10.51 -35.85
CA GLU A 247 1.77 10.80 -34.83
C GLU A 247 1.21 10.63 -33.43
N PHE A 248 2.07 10.28 -32.47
CA PHE A 248 1.65 10.08 -31.09
C PHE A 248 1.90 11.30 -30.23
N PHE A 249 0.82 11.88 -29.70
CA PHE A 249 0.88 13.08 -28.84
C PHE A 249 0.84 12.72 -27.36
N TYR A 250 1.57 13.49 -26.57
CA TYR A 250 1.61 13.34 -25.11
C TYR A 250 1.41 14.72 -24.46
N CYS A 251 0.27 14.94 -23.82
CA CYS A 251 -0.11 16.27 -23.35
C CYS A 251 -0.21 16.37 -21.84
N ASN A 252 0.45 17.36 -21.28
CA ASN A 252 0.43 17.64 -19.84
C ASN A 252 -0.96 18.13 -19.45
N THR A 253 -1.62 17.44 -18.53
CA THR A 253 -2.98 17.76 -18.15
C THR A 253 -3.07 18.38 -16.76
N THR A 254 -1.93 18.84 -16.24
CA THR A 254 -1.92 19.54 -14.96
C THR A 254 -2.89 20.73 -14.94
N ASN A 255 -2.99 21.45 -16.05
CA ASN A 255 -3.92 22.59 -16.09
C ASN A 255 -5.40 22.19 -16.12
N LEU A 256 -5.68 20.92 -16.38
CA LEU A 256 -7.03 20.39 -16.31
C LEU A 256 -7.39 19.86 -14.93
N PHE A 257 -6.39 19.39 -14.20
CA PHE A 257 -6.63 18.68 -12.95
C PHE A 257 -5.85 19.33 -11.84
N ASN A 258 -6.36 20.46 -11.38
CA ASN A 258 -5.75 21.21 -10.29
C ASN A 258 -6.77 22.18 -9.69
N SER A 259 -7.78 21.61 -9.02
CA SER A 259 -8.82 22.42 -8.41
C SER A 259 -9.42 21.76 -7.18
N THR A 260 -9.98 22.58 -6.30
CA THR A 260 -10.63 22.12 -5.08
C THR A 260 -12.07 22.60 -5.06
N TRP A 261 -12.98 21.69 -4.74
CA TRP A 261 -14.41 21.97 -4.79
C TRP A 261 -15.04 21.61 -3.45
N ASN A 262 -15.12 22.59 -2.55
CA ASN A 262 -15.85 22.41 -1.32
C ASN A 262 -17.32 22.68 -1.60
N HIS A 263 -18.20 22.34 -0.66
CA HIS A 263 -19.53 22.91 -0.71
C HIS A 263 -19.28 24.39 -0.47
N THR A 264 -19.66 25.24 -1.43
CA THR A 264 -19.28 26.65 -1.41
C THR A 264 -19.40 27.30 -0.03
N ALA A 265 -18.25 27.73 0.51
CA ALA A 265 -18.19 28.34 1.83
C ALA A 265 -18.65 27.37 2.92
N ASP A 274 -12.25 32.13 -21.28
CA ASP A 274 -10.80 32.01 -21.42
C ASP A 274 -10.44 30.62 -21.98
N THR A 275 -9.15 30.36 -22.15
CA THR A 275 -8.68 29.13 -22.81
C THR A 275 -7.58 28.47 -22.01
N ILE A 276 -7.72 27.16 -21.79
CA ILE A 276 -6.71 26.38 -21.11
C ILE A 276 -5.77 25.82 -22.17
N ILE A 277 -4.48 26.06 -21.99
CA ILE A 277 -3.49 25.58 -22.94
C ILE A 277 -2.69 24.43 -22.34
N LEU A 278 -2.71 23.30 -23.01
CA LEU A 278 -1.98 22.11 -22.58
C LEU A 278 -0.74 21.93 -23.46
N PRO A 279 0.47 22.02 -22.87
CA PRO A 279 1.63 21.73 -23.70
C PRO A 279 1.73 20.24 -24.03
N CYS A 280 2.15 19.95 -25.25
CA CYS A 280 2.29 18.59 -25.75
C CYS A 280 3.63 18.34 -26.46
N ARG A 281 3.97 17.06 -26.57
CA ARG A 281 5.14 16.61 -27.29
C ARG A 281 4.74 15.43 -28.15
N ILE A 282 5.29 15.40 -29.36
CA ILE A 282 5.20 14.22 -30.22
C ILE A 282 6.40 13.32 -29.94
N LYS A 283 6.13 12.05 -29.65
CA LYS A 283 7.17 11.10 -29.28
C LYS A 283 7.39 10.12 -30.41
N GLN A 284 8.64 9.68 -30.56
CA GLN A 284 9.02 8.61 -31.47
C GLN A 284 9.18 7.29 -30.71
N ILE A 285 9.47 7.35 -29.42
CA ILE A 285 9.62 6.17 -28.57
C ILE A 285 8.39 6.00 -27.73
N ILE A 286 7.67 4.90 -27.89
CA ILE A 286 6.42 4.75 -27.17
C ILE A 286 6.33 3.39 -26.52
N ASN A 287 5.58 3.34 -25.42
CA ASN A 287 5.28 2.09 -24.73
C ASN A 287 3.99 1.54 -25.28
N MET A 288 4.04 0.34 -25.81
CA MET A 288 2.86 -0.25 -26.43
C MET A 288 1.77 -0.49 -25.40
N TRP A 289 0.52 -0.22 -25.80
CA TRP A 289 -0.64 -0.58 -24.99
C TRP A 289 -1.07 -2.03 -25.24
N GLN A 290 -0.70 -2.59 -26.38
CA GLN A 290 -1.15 -3.93 -26.75
C GLN A 290 -0.56 -5.04 -25.88
N ARG A 291 0.66 -4.80 -25.42
CA ARG A 291 1.49 -5.82 -24.79
C ARG A 291 2.67 -5.10 -24.20
N VAL A 292 3.44 -5.79 -23.38
CA VAL A 292 4.59 -5.16 -22.76
C VAL A 292 5.70 -5.00 -23.79
N GLY A 293 6.17 -3.77 -23.96
CA GLY A 293 7.30 -3.54 -24.85
C GLY A 293 7.33 -2.12 -25.37
N GLN A 294 8.50 -1.71 -25.88
CA GLN A 294 8.66 -0.40 -26.50
C GLN A 294 8.67 -0.52 -28.01
N ALA A 295 8.24 0.56 -28.67
CA ALA A 295 8.28 0.63 -30.13
C ALA A 295 8.87 1.97 -30.56
N MET A 296 9.67 1.97 -31.61
CA MET A 296 10.23 3.20 -32.15
C MET A 296 9.65 3.49 -33.51
N TYR A 297 9.09 4.68 -33.67
CA TYR A 297 8.58 5.17 -34.94
C TYR A 297 9.47 6.26 -35.53
N ALA A 298 9.23 6.56 -36.81
CA ALA A 298 10.06 7.52 -37.54
C ALA A 298 9.83 8.94 -37.03
N PRO A 299 10.82 9.82 -37.24
CA PRO A 299 10.66 11.23 -36.86
C PRO A 299 9.43 11.86 -37.51
N PRO A 300 8.89 12.93 -36.89
CA PRO A 300 7.60 13.49 -37.28
C PRO A 300 7.54 14.02 -38.71
N ILE A 301 6.39 13.88 -39.35
CA ILE A 301 6.13 14.50 -40.64
C ILE A 301 6.16 16.02 -40.46
N ARG A 302 6.48 16.75 -41.53
CA ARG A 302 6.47 18.20 -41.46
C ARG A 302 5.07 18.71 -41.77
N GLY A 303 4.92 20.03 -41.77
CA GLY A 303 3.64 20.64 -42.08
C GLY A 303 2.82 20.88 -40.82
N VAL A 304 1.54 21.18 -40.98
CA VAL A 304 0.65 21.39 -39.85
C VAL A 304 -0.20 20.17 -39.58
N ILE A 305 -0.21 19.76 -38.32
CA ILE A 305 -1.02 18.67 -37.84
C ILE A 305 -2.07 19.24 -36.92
N ARG A 306 -3.34 18.97 -37.19
CA ARG A 306 -4.39 19.46 -36.30
C ARG A 306 -5.48 18.42 -36.09
N CYS A 307 -5.85 18.24 -34.83
CA CYS A 307 -6.92 17.35 -34.44
C CYS A 307 -7.91 18.12 -33.58
N GLU A 308 -9.17 18.06 -33.94
CA GLU A 308 -10.23 18.61 -33.12
C GLU A 308 -11.13 17.46 -32.68
N SER A 309 -11.13 17.20 -31.38
CA SER A 309 -11.87 16.06 -30.81
C SER A 309 -12.88 16.53 -29.76
N ASN A 310 -13.84 15.66 -29.44
CA ASN A 310 -14.72 15.85 -28.29
C ASN A 310 -14.25 15.04 -27.10
N ILE A 311 -14.03 15.67 -25.96
CA ILE A 311 -13.93 14.95 -24.69
C ILE A 311 -15.34 14.53 -24.28
N THR A 312 -15.55 13.22 -24.16
CA THR A 312 -16.85 12.67 -23.83
C THR A 312 -16.84 11.87 -22.50
N GLY A 313 -15.66 11.65 -21.96
CA GLY A 313 -15.50 10.90 -20.72
C GLY A 313 -14.13 11.06 -20.10
N LEU A 314 -13.95 10.46 -18.93
CA LEU A 314 -12.70 10.54 -18.18
C LEU A 314 -12.43 9.17 -17.55
N ILE A 315 -11.14 8.87 -17.37
CA ILE A 315 -10.70 7.75 -16.52
C ILE A 315 -10.01 8.31 -15.29
N LEU A 316 -10.52 7.98 -14.11
CA LEU A 316 -9.99 8.56 -12.87
C LEU A 316 -9.58 7.49 -11.87
N THR A 317 -8.66 7.88 -10.99
CA THR A 317 -8.30 7.09 -9.79
C THR A 317 -8.51 7.96 -8.55
N ARG A 318 -8.95 7.34 -7.46
CA ARG A 318 -9.21 8.05 -6.22
C ARG A 318 -8.10 7.72 -5.21
N ASP A 319 -7.48 8.75 -4.64
CA ASP A 319 -6.44 8.51 -3.64
C ASP A 319 -6.94 7.65 -2.50
N GLY A 320 -6.16 6.64 -2.16
CA GLY A 320 -6.51 5.84 -0.99
C GLY A 320 -5.91 6.37 0.29
N GLY A 321 -6.28 5.71 1.39
CA GLY A 321 -5.62 5.88 2.64
C GLY A 321 -5.85 7.23 3.27
N ASN A 322 -6.79 8.01 2.76
CA ASN A 322 -7.05 9.30 3.37
C ASN A 322 -7.83 9.03 4.65
N THR A 323 -7.09 8.67 5.69
CA THR A 323 -7.64 8.04 6.88
C THR A 323 -8.66 8.91 7.60
N ASN A 324 -8.37 10.19 7.72
CA ASN A 324 -9.34 11.12 8.27
C ASN A 324 -9.16 12.49 7.67
N SER A 325 -9.79 12.68 6.52
CA SER A 325 -9.72 13.94 5.79
C SER A 325 -11.11 14.45 5.57
N THR A 326 -11.19 15.74 5.25
CA THR A 326 -12.45 16.35 4.88
C THR A 326 -12.56 16.37 3.37
N ARG A 327 -11.68 15.63 2.69
CA ARG A 327 -11.64 15.67 1.23
C ARG A 327 -11.28 14.34 0.56
N GLU A 328 -11.72 14.21 -0.68
CA GLU A 328 -11.36 13.11 -1.54
C GLU A 328 -10.63 13.69 -2.73
N THR A 329 -9.59 13.00 -3.19
CA THR A 329 -8.78 13.46 -4.31
C THR A 329 -8.86 12.48 -5.48
N PHE A 330 -9.12 13.02 -6.67
CA PHE A 330 -9.23 12.24 -7.88
C PHE A 330 -8.17 12.71 -8.88
N ARG A 331 -7.54 11.73 -9.54
CA ARG A 331 -6.51 11.99 -10.55
C ARG A 331 -6.80 11.26 -11.83
N PRO A 332 -6.32 11.80 -12.96
CA PRO A 332 -6.51 11.11 -14.23
C PRO A 332 -5.72 9.82 -14.25
N GLY A 333 -6.31 8.80 -14.85
CA GLY A 333 -5.70 7.47 -14.91
C GLY A 333 -5.82 6.92 -16.32
N GLY A 334 -5.81 5.60 -16.45
CA GLY A 334 -5.94 4.97 -17.75
C GLY A 334 -4.75 4.08 -18.06
N GLY A 335 -4.67 3.61 -19.29
CA GLY A 335 -3.60 2.74 -19.71
C GLY A 335 -4.09 1.37 -20.15
N ASP A 336 -5.07 0.82 -19.44
CA ASP A 336 -5.73 -0.40 -19.87
C ASP A 336 -6.84 0.01 -20.80
N MET A 337 -6.63 -0.21 -22.11
CA MET A 337 -7.59 0.26 -23.11
C MET A 337 -8.88 -0.51 -23.05
N ARG A 338 -8.92 -1.59 -22.28
CA ARG A 338 -10.21 -2.24 -22.08
C ARG A 338 -11.16 -1.30 -21.36
N ASP A 339 -10.64 -0.38 -20.54
CA ASP A 339 -11.53 0.61 -19.93
C ASP A 339 -12.18 1.49 -21.00
N ASN A 340 -11.42 1.84 -22.04
CA ASN A 340 -11.98 2.60 -23.16
C ASN A 340 -13.11 1.81 -23.85
N TRP A 341 -12.92 0.50 -24.06
CA TRP A 341 -13.96 -0.28 -24.74
C TRP A 341 -15.18 -0.43 -23.81
N ARG A 342 -14.92 -0.60 -22.52
CA ARG A 342 -15.97 -0.72 -21.51
C ARG A 342 -16.85 0.53 -21.48
N SER A 343 -16.27 1.70 -21.71
CA SER A 343 -17.05 2.94 -21.63
C SER A 343 -18.15 2.98 -22.70
N GLU A 344 -17.99 2.17 -23.75
CA GLU A 344 -18.97 2.10 -24.83
C GLU A 344 -19.83 0.83 -24.76
N LEU A 345 -19.25 -0.26 -24.28
CA LEU A 345 -19.90 -1.57 -24.36
C LEU A 345 -20.70 -1.92 -23.09
N TYR A 346 -20.71 -1.01 -22.12
CA TYR A 346 -21.28 -1.25 -20.80
C TYR A 346 -22.76 -1.63 -20.86
N LYS A 347 -23.46 -1.23 -21.91
CA LYS A 347 -24.91 -1.49 -21.97
C LYS A 347 -25.27 -2.75 -22.74
N TYR A 348 -24.28 -3.56 -23.09
CA TYR A 348 -24.49 -4.76 -23.90
C TYR A 348 -24.03 -6.04 -23.20
N LYS A 349 -24.70 -7.14 -23.53
CA LYS A 349 -24.20 -8.46 -23.19
C LYS A 349 -24.67 -9.47 -24.24
N VAL A 350 -23.91 -10.54 -24.40
CA VAL A 350 -24.27 -11.60 -25.35
C VAL A 350 -24.92 -12.77 -24.65
N VAL A 351 -25.98 -13.30 -25.24
CA VAL A 351 -26.66 -14.47 -24.71
C VAL A 351 -26.86 -15.51 -25.80
N LYS A 352 -26.94 -16.77 -25.40
CA LYS A 352 -27.28 -17.82 -26.32
C LYS A 352 -28.78 -18.05 -26.21
N ILE A 353 -29.49 -17.86 -27.31
CA ILE A 353 -30.92 -18.07 -27.32
C ILE A 353 -31.21 -19.57 -27.46
N GLU A 354 -32.07 -20.08 -26.58
CA GLU A 354 -32.48 -21.47 -26.61
C GLU A 354 -33.79 -21.64 -27.36
N PCA B 1 5.89 -21.88 -6.89
CA PCA B 1 5.24 -21.19 -5.74
CB PCA B 1 5.81 -21.68 -4.42
CG PCA B 1 7.13 -22.35 -4.78
CD PCA B 1 7.03 -22.54 -6.27
OE PCA B 1 7.84 -23.24 -6.88
C PCA B 1 5.51 -19.70 -5.79
O PCA B 1 6.65 -19.31 -6.07
H PCA B 1 5.66 -22.75 -6.89
HA PCA B 1 4.27 -21.35 -5.76
HB2 PCA B 1 5.94 -20.93 -3.81
HB3 PCA B 1 5.21 -22.33 -4.00
HG2 PCA B 1 7.89 -21.79 -4.53
HG3 PCA B 1 7.21 -23.22 -4.33
N VAL B 2 4.50 -18.89 -5.53
CA VAL B 2 4.68 -17.45 -5.48
C VAL B 2 5.67 -17.07 -4.38
N GLN B 3 6.61 -16.20 -4.72
CA GLN B 3 7.59 -15.71 -3.75
C GLN B 3 7.89 -14.25 -4.00
N LEU B 4 7.94 -13.48 -2.92
CA LEU B 4 8.38 -12.09 -2.93
C LEU B 4 9.61 -12.00 -2.03
N VAL B 5 10.73 -11.58 -2.60
CA VAL B 5 12.01 -11.54 -1.86
C VAL B 5 12.60 -10.15 -1.93
N GLN B 6 12.83 -9.55 -0.77
CA GLN B 6 13.26 -8.16 -0.66
C GLN B 6 14.74 -8.02 -0.37
N SER B 7 15.28 -6.86 -0.67
CA SER B 7 16.67 -6.55 -0.39
C SER B 7 16.90 -6.40 1.12
N GLY B 8 18.17 -6.34 1.49
CA GLY B 8 18.58 -6.40 2.90
C GLY B 8 18.47 -5.09 3.68
N THR B 9 18.79 -5.19 4.96
CA THR B 9 18.76 -4.04 5.85
C THR B 9 19.63 -2.91 5.33
N GLN B 10 19.12 -1.68 5.42
CA GLN B 10 19.92 -0.51 5.10
C GLN B 10 19.98 0.52 6.25
N MET B 11 21.16 1.11 6.40
CA MET B 11 21.37 2.23 7.31
C MET B 11 21.68 3.48 6.45
N LYS B 12 20.96 4.55 6.73
CA LYS B 12 21.00 5.78 5.95
C LYS B 12 20.99 6.98 6.87
N GLU B 13 21.70 8.03 6.46
CA GLU B 13 21.72 9.27 7.23
C GLU B 13 20.47 10.07 6.93
N PRO B 14 20.05 10.90 7.89
CA PRO B 14 18.89 11.78 7.64
C PRO B 14 19.10 12.63 6.40
N GLY B 15 18.04 12.85 5.66
CA GLY B 15 18.07 13.65 4.46
C GLY B 15 18.32 12.82 3.21
N ALA B 16 18.84 11.60 3.40
CA ALA B 16 19.20 10.73 2.28
C ALA B 16 17.99 10.04 1.69
N SER B 17 18.19 9.35 0.56
CA SER B 17 17.13 8.54 -0.04
C SER B 17 17.50 7.06 0.07
N VAL B 18 16.49 6.20 0.03
CA VAL B 18 16.72 4.76 0.07
C VAL B 18 15.78 4.05 -0.88
N THR B 19 16.31 3.02 -1.56
CA THR B 19 15.52 2.17 -2.45
C THR B 19 15.53 0.73 -1.96
N ILE B 20 14.33 0.17 -1.84
CA ILE B 20 14.10 -1.23 -1.46
C ILE B 20 13.60 -1.99 -2.69
N SER B 21 14.15 -3.18 -2.94
CA SER B 21 13.70 -3.99 -4.06
C SER B 21 12.84 -5.16 -3.56
N CYS B 22 11.93 -5.58 -4.42
CA CYS B 22 11.02 -6.69 -4.16
C CYS B 22 10.99 -7.58 -5.40
N VAL B 23 11.78 -8.65 -5.42
CA VAL B 23 11.90 -9.53 -6.59
C VAL B 23 10.89 -10.67 -6.48
N THR B 24 10.04 -10.78 -7.50
CA THR B 24 8.96 -11.75 -7.48
C THR B 24 9.27 -12.93 -8.34
N SER B 25 8.68 -14.07 -8.01
CA SER B 25 8.79 -15.26 -8.82
C SER B 25 7.54 -16.10 -8.65
N GLY B 26 7.29 -16.97 -9.61
CA GLY B 26 6.26 -18.01 -9.50
C GLY B 26 4.90 -17.59 -10.02
N TYR B 27 4.84 -16.40 -10.62
CA TYR B 27 3.62 -15.93 -11.28
C TYR B 27 3.97 -14.86 -12.31
N GLU B 28 2.97 -14.45 -13.10
CA GLU B 28 3.15 -13.41 -14.11
C GLU B 28 3.12 -12.02 -13.47
N PHE B 29 4.32 -11.46 -13.33
CA PHE B 29 4.53 -10.25 -12.56
C PHE B 29 3.61 -9.10 -12.98
N VAL B 30 3.44 -8.93 -14.28
CA VAL B 30 2.75 -7.74 -14.76
C VAL B 30 1.23 -7.79 -14.50
N GLU B 31 0.72 -8.91 -14.00
CA GLU B 31 -0.73 -9.09 -13.87
C GLU B 31 -1.33 -8.75 -12.51
N ILE B 32 -0.51 -8.36 -11.53
CA ILE B 32 -0.96 -8.21 -10.14
C ILE B 32 -0.42 -6.96 -9.48
N LEU B 33 -1.29 -6.20 -8.84
CA LEU B 33 -0.84 -5.01 -8.13
C LEU B 33 0.12 -5.34 -6.99
N ILE B 34 1.15 -4.53 -6.86
CA ILE B 34 2.07 -4.58 -5.73
C ILE B 34 1.68 -3.50 -4.73
N ASN B 35 1.67 -3.86 -3.45
CA ASN B 35 1.41 -2.93 -2.36
C ASN B 35 2.63 -2.87 -1.45
N TRP B 36 2.77 -1.75 -0.74
CA TRP B 36 3.79 -1.62 0.28
C TRP B 36 3.16 -1.23 1.60
N VAL B 37 3.68 -1.84 2.66
CA VAL B 37 3.17 -1.69 4.01
C VAL B 37 4.34 -1.38 4.96
N ARG B 38 4.15 -0.37 5.80
CA ARG B 38 5.17 0.05 6.77
C ARG B 38 4.81 -0.46 8.13
N GLN B 39 5.82 -0.86 8.90
CA GLN B 39 5.61 -1.21 10.30
C GLN B 39 6.75 -0.70 11.15
N VAL B 40 6.50 0.37 11.87
CA VAL B 40 7.46 0.88 12.84
C VAL B 40 7.61 -0.18 13.92
N PRO B 41 8.86 -0.44 14.38
CA PRO B 41 9.03 -1.48 15.39
C PRO B 41 8.11 -1.31 16.60
N GLY B 42 7.36 -2.35 16.91
CA GLY B 42 6.45 -2.37 18.04
C GLY B 42 5.07 -1.78 17.76
N ARG B 43 4.83 -1.36 16.52
CA ARG B 43 3.59 -0.70 16.15
C ARG B 43 2.82 -1.52 15.12
N GLY B 44 1.70 -1.00 14.65
CA GLY B 44 0.84 -1.70 13.72
C GLY B 44 1.22 -1.57 12.24
N LEU B 45 0.42 -2.23 11.40
CA LEU B 45 0.60 -2.23 9.96
C LEU B 45 -0.03 -1.00 9.34
N GLU B 46 0.69 -0.37 8.42
CA GLU B 46 0.22 0.82 7.69
C GLU B 46 0.40 0.67 6.19
N TRP B 47 -0.70 0.71 5.47
CA TRP B 47 -0.64 0.67 4.01
C TRP B 47 -0.10 1.98 3.45
N MET B 48 0.84 1.88 2.53
CA MET B 48 1.51 3.06 1.96
C MET B 48 1.03 3.42 0.55
N GLY B 49 0.73 2.40 -0.26
CA GLY B 49 0.35 2.61 -1.63
C GLY B 49 0.34 1.34 -2.44
N TRP B 50 -0.27 1.41 -3.61
CA TRP B 50 -0.13 0.38 -4.61
C TRP B 50 0.44 0.89 -5.91
N MET B 51 0.98 -0.04 -6.67
CA MET B 51 1.52 0.21 -7.99
C MET B 51 1.08 -0.89 -8.94
N ASN B 52 0.58 -0.48 -10.10
CA ASN B 52 0.25 -1.41 -11.15
C ASN B 52 1.48 -1.62 -12.04
N PRO B 53 2.08 -2.81 -12.03
CA PRO B 53 3.26 -3.03 -12.89
C PRO B 53 2.99 -2.91 -14.38
N ARG B 54 1.74 -3.04 -14.79
CA ARG B 54 1.38 -2.76 -16.17
C ARG B 54 1.17 -1.26 -16.31
N GLY B 55 2.20 -0.56 -16.77
CA GLY B 55 2.14 0.87 -16.98
C GLY B 55 2.75 1.68 -15.84
N GLY B 56 2.80 1.08 -14.65
CA GLY B 56 3.43 1.72 -13.50
C GLY B 56 2.58 2.77 -12.79
N GLY B 57 1.30 2.82 -13.07
CA GLY B 57 0.37 3.69 -12.35
C GLY B 57 0.43 3.41 -10.85
N VAL B 58 0.17 4.44 -10.05
CA VAL B 58 0.30 4.32 -8.59
C VAL B 58 -0.88 4.92 -7.84
N ASN B 59 -0.93 4.62 -6.55
CA ASN B 59 -1.89 5.21 -5.65
C ASN B 59 -1.24 5.25 -4.29
N TYR B 60 -0.92 6.46 -3.83
CA TYR B 60 -0.23 6.67 -2.55
C TYR B 60 -1.17 7.21 -1.49
N ALA B 61 -1.10 6.61 -0.30
CA ALA B 61 -1.78 7.19 0.86
C ALA B 61 -1.31 8.62 1.09
N ARG B 62 -2.24 9.49 1.46
CA ARG B 62 -1.93 10.91 1.62
C ARG B 62 -0.71 11.14 2.53
N GLN B 63 -0.63 10.37 3.61
CA GLN B 63 0.45 10.50 4.60
C GLN B 63 1.83 10.33 3.98
N PHE B 64 1.91 9.60 2.87
CA PHE B 64 3.19 9.32 2.25
C PHE B 64 3.45 10.07 0.96
N GLN B 65 2.51 10.91 0.53
CA GLN B 65 2.71 11.68 -0.69
C GLN B 65 3.85 12.67 -0.44
N GLY B 66 4.82 12.69 -1.35
CA GLY B 66 6.03 13.50 -1.18
C GLY B 66 7.18 12.69 -0.59
N LYS B 67 6.86 11.54 -0.01
CA LYS B 67 7.84 10.69 0.63
C LYS B 67 8.17 9.48 -0.24
N VAL B 68 7.16 8.89 -0.88
CA VAL B 68 7.34 7.59 -1.55
C VAL B 68 7.29 7.69 -3.07
N THR B 69 8.03 6.80 -3.70
CA THR B 69 7.98 6.55 -5.14
C THR B 69 7.98 5.05 -5.33
N MET B 70 6.98 4.55 -6.05
CA MET B 70 6.85 3.12 -6.31
C MET B 70 7.02 2.86 -7.79
N THR B 71 8.00 2.03 -8.15
CA THR B 71 8.36 1.80 -9.53
C THR B 71 8.56 0.31 -9.78
N ARG B 72 8.84 -0.04 -11.03
CA ARG B 72 9.10 -1.44 -11.35
C ARG B 72 10.01 -1.59 -12.56
N ASP B 73 10.60 -2.78 -12.64
CA ASP B 73 11.28 -3.23 -13.85
C ASP B 73 10.63 -4.55 -14.26
N VAL B 74 9.77 -4.51 -15.28
CA VAL B 74 8.96 -5.67 -15.63
C VAL B 74 9.83 -6.80 -16.12
N TYR B 75 10.88 -6.47 -16.87
CA TYR B 75 11.76 -7.49 -17.42
C TYR B 75 12.45 -8.30 -16.32
N ARG B 76 12.67 -7.67 -15.16
CA ARG B 76 13.37 -8.30 -14.04
C ARG B 76 12.40 -8.77 -12.95
N ASP B 77 11.10 -8.70 -13.23
CA ASP B 77 10.08 -9.15 -12.28
C ASP B 77 10.23 -8.48 -10.90
N THR B 78 10.65 -7.22 -10.92
CA THR B 78 11.02 -6.52 -9.69
C THR B 78 10.26 -5.22 -9.48
N ALA B 79 9.79 -5.04 -8.26
CA ALA B 79 9.18 -3.83 -7.80
C ALA B 79 10.12 -3.09 -6.84
N TYR B 80 10.04 -1.77 -6.86
CA TYR B 80 10.87 -0.93 -6.00
C TYR B 80 10.07 0.07 -5.20
N LEU B 81 10.55 0.33 -3.99
CA LEU B 81 10.04 1.41 -3.16
C LEU B 81 11.20 2.34 -2.84
N THR B 82 11.07 3.62 -3.20
CA THR B 82 12.07 4.61 -2.88
C THR B 82 11.47 5.63 -1.89
N LEU B 83 12.18 5.87 -0.80
CA LEU B 83 11.79 6.87 0.19
C LEU B 83 12.78 8.03 0.14
N SER B 84 12.27 9.26 0.13
CA SER B 84 13.14 10.42 0.03
C SER B 84 13.08 11.26 1.31
N GLY B 85 14.08 12.11 1.49
CA GLY B 85 14.17 13.00 2.63
C GLY B 85 14.02 12.28 3.96
N LEU B 86 14.88 11.29 4.20
CA LEU B 86 14.67 10.40 5.34
C LEU B 86 14.80 11.14 6.68
N THR B 87 13.92 10.75 7.62
CA THR B 87 13.92 11.27 8.99
C THR B 87 13.81 10.10 9.95
N SER B 88 13.91 10.37 11.24
CA SER B 88 13.83 9.29 12.21
C SER B 88 12.47 8.58 12.17
N GLY B 89 11.45 9.30 11.72
CA GLY B 89 10.10 8.76 11.59
C GLY B 89 10.00 7.69 10.52
N ASP B 90 11.04 7.56 9.72
CA ASP B 90 11.06 6.61 8.64
C ASP B 90 11.72 5.29 9.03
N THR B 91 12.33 5.26 10.21
CA THR B 91 12.91 4.02 10.71
C THR B 91 11.77 3.04 10.94
N ALA B 92 11.81 1.93 10.19
CA ALA B 92 10.71 0.98 10.20
C ALA B 92 11.07 -0.22 9.34
N LYS B 93 10.21 -1.24 9.40
CA LYS B 93 10.28 -2.35 8.46
C LYS B 93 9.27 -2.10 7.34
N TYR B 94 9.69 -2.34 6.10
CA TYR B 94 8.83 -2.15 4.92
C TYR B 94 8.59 -3.49 4.20
N PHE B 95 7.32 -3.80 3.94
CA PHE B 95 6.95 -5.05 3.29
C PHE B 95 6.39 -4.75 1.93
N CYS B 96 6.82 -5.51 0.92
CA CYS B 96 6.03 -5.56 -0.31
C CYS B 96 5.02 -6.72 -0.16
N VAL B 97 3.83 -6.56 -0.75
CA VAL B 97 2.76 -7.54 -0.56
C VAL B 97 1.73 -7.47 -1.67
N ARG B 98 1.19 -8.63 -2.04
CA ARG B 98 0.16 -8.73 -3.07
C ARG B 98 -0.99 -9.60 -2.58
N GLY B 99 -2.18 -9.29 -3.06
CA GLY B 99 -3.34 -10.10 -2.80
C GLY B 99 -3.48 -11.27 -3.77
N ARG B 100 -4.65 -11.90 -3.74
CA ARG B 100 -4.94 -13.06 -4.59
C ARG B 100 -5.07 -12.69 -6.05
N SER B 101 -4.82 -13.67 -6.90
CA SER B 101 -4.99 -13.48 -8.33
C SER B 101 -6.46 -13.68 -8.67
N CYS B 102 -6.87 -13.22 -9.85
CA CYS B 102 -8.27 -13.28 -10.28
C CYS B 102 -8.48 -13.58 -11.78
N CYS B 103 -7.42 -13.55 -12.58
CA CYS B 103 -7.59 -13.61 -14.05
C CYS B 103 -8.17 -14.95 -14.50
N GLY B 104 -7.85 -16.02 -13.78
CA GLY B 104 -8.39 -17.33 -14.11
C GLY B 104 -8.03 -17.78 -15.52
N GLY B 105 -6.81 -17.50 -15.94
CA GLY B 105 -6.32 -17.95 -17.23
C GLY B 105 -7.05 -17.34 -18.41
N ARG B 106 -7.72 -16.21 -18.19
CA ARG B 106 -8.38 -15.50 -19.28
C ARG B 106 -7.33 -14.76 -20.10
N ARG B 107 -7.75 -14.27 -21.26
CA ARG B 107 -6.82 -13.76 -22.27
C ARG B 107 -6.10 -12.49 -21.85
N HIS B 108 -6.86 -11.53 -21.32
CA HIS B 108 -6.30 -10.25 -20.92
C HIS B 108 -6.47 -10.09 -19.41
N CYS B 109 -5.36 -9.82 -18.75
CA CYS B 109 -5.28 -9.78 -17.29
C CYS B 109 -4.66 -8.48 -16.82
N ASN B 110 -5.35 -7.76 -15.96
CA ASN B 110 -4.82 -6.55 -15.38
C ASN B 110 -5.06 -6.60 -13.86
N GLY B 111 -4.07 -6.18 -13.09
CA GLY B 111 -4.17 -6.22 -11.63
C GLY B 111 -5.35 -5.41 -11.09
N ALA B 112 -5.74 -4.36 -11.81
CA ALA B 112 -6.89 -3.56 -11.39
C ALA B 112 -8.22 -4.34 -11.50
N ASP B 113 -8.22 -5.48 -12.18
CA ASP B 113 -9.43 -6.31 -12.24
C ASP B 113 -9.69 -7.04 -10.92
N CYS B 114 -8.64 -7.22 -10.13
CA CYS B 114 -8.73 -7.99 -8.90
C CYS B 114 -9.21 -7.16 -7.70
N PHE B 115 -9.45 -7.84 -6.59
CA PHE B 115 -9.87 -7.18 -5.37
C PHE B 115 -8.74 -6.38 -4.73
N ASN B 116 -7.54 -6.94 -4.83
CA ASN B 116 -6.29 -6.44 -4.24
C ASN B 116 -6.12 -6.71 -2.74
N TRP B 117 -7.15 -6.49 -1.93
CA TRP B 117 -6.94 -6.34 -0.48
C TRP B 117 -6.98 -7.62 0.32
N ASP B 118 -7.05 -8.78 -0.34
CA ASP B 118 -6.87 -10.04 0.39
C ASP B 118 -5.38 -10.40 0.41
N PHE B 119 -4.59 -9.56 1.08
CA PHE B 119 -3.14 -9.65 1.12
C PHE B 119 -2.72 -11.06 1.54
N GLN B 120 -1.94 -11.72 0.69
CA GLN B 120 -1.71 -13.15 0.83
C GLN B 120 -0.23 -13.50 0.80
N HIS B 121 0.49 -12.85 -0.11
CA HIS B 121 1.91 -13.11 -0.31
C HIS B 121 2.70 -11.87 0.01
N TRP B 122 3.51 -12.02 1.04
CA TRP B 122 4.39 -10.95 1.54
C TRP B 122 5.87 -11.22 1.28
N GLY B 123 6.61 -10.16 1.03
CA GLY B 123 8.06 -10.18 1.13
C GLY B 123 8.45 -10.36 2.59
N GLN B 124 9.71 -10.68 2.87
CA GLN B 124 10.10 -10.97 4.23
C GLN B 124 10.28 -9.68 5.05
N GLY B 125 10.25 -8.55 4.37
CA GLY B 125 10.42 -7.25 4.99
C GLY B 125 11.86 -6.74 4.95
N THR B 126 12.00 -5.43 4.89
CA THR B 126 13.29 -4.77 4.83
C THR B 126 13.36 -3.69 5.88
N LEU B 127 14.36 -3.76 6.77
CA LEU B 127 14.52 -2.75 7.81
C LEU B 127 15.32 -1.55 7.28
N VAL B 128 14.81 -0.35 7.53
CA VAL B 128 15.55 0.87 7.21
C VAL B 128 15.82 1.57 8.54
N ILE B 129 17.09 1.85 8.82
CA ILE B 129 17.47 2.55 10.05
C ILE B 129 18.05 3.91 9.69
N VAL B 130 17.40 4.97 10.16
CA VAL B 130 17.86 6.32 9.85
C VAL B 130 18.71 6.83 11.02
N SER B 131 19.98 7.08 10.75
CA SER B 131 20.90 7.60 11.75
C SER B 131 22.13 8.21 11.07
N PRO B 132 22.65 9.31 11.63
CA PRO B 132 23.88 9.92 11.09
C PRO B 132 25.14 9.19 11.51
N ALA B 133 25.00 8.15 12.33
CA ALA B 133 26.16 7.51 12.96
C ALA B 133 26.91 6.57 12.02
N SER B 134 28.22 6.49 12.20
CA SER B 134 29.04 5.49 11.53
C SER B 134 29.32 4.37 12.53
N THR B 135 29.89 3.27 12.07
CA THR B 135 30.15 2.12 12.92
C THR B 135 30.96 2.51 14.16
N LYS B 136 30.48 2.11 15.34
CA LYS B 136 31.08 2.51 16.60
C LYS B 136 30.84 1.43 17.64
N GLY B 137 31.91 0.96 18.26
CA GLY B 137 31.81 -0.04 19.31
C GLY B 137 31.27 0.56 20.60
N PRO B 138 30.71 -0.29 21.48
CA PRO B 138 30.11 0.24 22.71
C PRO B 138 31.08 0.59 23.83
N SER B 139 30.62 1.50 24.68
CA SER B 139 31.19 1.67 26.00
C SER B 139 30.38 0.79 26.95
N VAL B 140 31.04 0.16 27.92
CA VAL B 140 30.35 -0.76 28.83
C VAL B 140 30.57 -0.31 30.26
N PHE B 141 29.47 0.02 30.93
CA PHE B 141 29.53 0.55 32.29
C PHE B 141 28.84 -0.40 33.28
N PRO B 142 29.36 -0.48 34.51
CA PRO B 142 28.75 -1.39 35.48
C PRO B 142 27.46 -0.82 36.05
N LEU B 143 26.48 -1.69 36.25
CA LEU B 143 25.32 -1.40 37.06
C LEU B 143 25.58 -2.14 38.37
N ALA B 144 26.12 -1.42 39.35
CA ALA B 144 26.65 -2.06 40.55
C ALA B 144 25.59 -2.17 41.64
N PRO B 145 25.51 -3.35 42.29
CA PRO B 145 24.52 -3.58 43.34
C PRO B 145 24.74 -2.71 44.57
N LYS B 148 23.14 -1.96 51.07
CA LYS B 148 22.65 -3.14 50.36
C LYS B 148 21.35 -2.81 49.63
N SER B 149 21.10 -3.55 48.54
CA SER B 149 19.90 -3.36 47.74
C SER B 149 19.26 -4.72 47.43
N THR B 150 18.31 -5.13 48.28
CA THR B 150 17.64 -6.41 48.12
C THR B 150 16.14 -6.25 47.88
N SER B 151 15.68 -6.73 46.72
CA SER B 151 14.25 -6.81 46.42
C SER B 151 13.92 -8.25 46.03
N GLY B 152 12.88 -8.79 46.66
CA GLY B 152 12.52 -10.18 46.44
C GLY B 152 13.58 -11.13 46.97
N GLY B 153 14.30 -10.71 48.00
CA GLY B 153 15.27 -11.56 48.67
C GLY B 153 16.59 -11.73 47.91
N THR B 154 16.78 -10.91 46.88
CA THR B 154 17.88 -11.09 45.95
C THR B 154 18.54 -9.74 45.64
N ALA B 155 19.79 -9.73 45.22
CA ALA B 155 20.44 -8.53 44.70
C ALA B 155 20.35 -8.51 43.18
N ALA B 156 20.68 -7.37 42.57
CA ALA B 156 20.66 -7.24 41.12
C ALA B 156 21.89 -6.47 40.68
N LEU B 157 22.42 -6.86 39.53
CA LEU B 157 23.52 -6.12 38.93
C LEU B 157 23.41 -6.21 37.42
N GLY B 158 24.27 -5.49 36.71
CA GLY B 158 24.22 -5.54 35.26
C GLY B 158 25.33 -4.75 34.61
N CYS B 159 25.23 -4.58 33.30
CA CYS B 159 26.07 -3.64 32.59
C CYS B 159 25.25 -2.85 31.58
N LEU B 160 25.58 -1.57 31.51
CA LEU B 160 24.99 -0.64 30.57
C LEU B 160 25.86 -0.62 29.34
N VAL B 161 25.30 -0.98 28.19
CA VAL B 161 26.04 -1.09 26.94
C VAL B 161 25.63 0.09 26.10
N LYS B 162 26.47 1.11 26.03
CA LYS B 162 25.99 2.39 25.51
C LYS B 162 26.74 2.88 24.29
N ASP B 163 26.00 3.56 23.42
CA ASP B 163 26.56 4.33 22.29
C ASP B 163 27.31 3.50 21.27
N TYR B 164 26.61 2.53 20.69
CA TYR B 164 27.17 1.71 19.63
C TYR B 164 26.28 1.75 18.39
N PHE B 165 26.85 1.34 17.27
CA PHE B 165 26.16 1.34 15.98
C PHE B 165 26.95 0.44 15.03
N PRO B 166 26.27 -0.39 14.23
CA PRO B 166 24.83 -0.69 14.22
C PRO B 166 24.54 -1.86 15.16
N GLU B 167 23.31 -2.34 15.18
CA GLU B 167 23.00 -3.61 15.82
C GLU B 167 23.72 -4.75 15.09
N PRO B 168 23.91 -5.90 15.77
CA PRO B 168 23.58 -6.19 17.17
C PRO B 168 24.83 -6.23 18.05
N VAL B 169 24.62 -6.22 19.37
CA VAL B 169 25.65 -6.67 20.31
C VAL B 169 25.16 -7.98 20.93
N THR B 170 26.08 -8.79 21.39
CA THR B 170 25.75 -9.97 22.17
C THR B 170 26.32 -9.80 23.57
N VAL B 171 25.53 -10.10 24.58
CA VAL B 171 25.97 -10.01 25.96
C VAL B 171 25.85 -11.38 26.63
N SER B 172 26.91 -11.81 27.30
CA SER B 172 26.86 -13.02 28.11
C SER B 172 27.42 -12.70 29.48
N TRP B 173 27.19 -13.59 30.43
CA TRP B 173 27.70 -13.41 31.78
C TRP B 173 28.57 -14.60 32.18
N ASN B 174 29.76 -14.30 32.70
CA ASN B 174 30.72 -15.34 33.06
C ASN B 174 30.91 -16.33 31.92
N SER B 175 31.03 -15.80 30.71
CA SER B 175 31.33 -16.59 29.52
C SER B 175 30.29 -17.66 29.23
N GLY B 176 29.04 -17.36 29.55
CA GLY B 176 27.93 -18.24 29.21
C GLY B 176 27.56 -19.22 30.32
N ALA B 177 28.32 -19.22 31.40
CA ALA B 177 28.06 -20.10 32.53
C ALA B 177 26.87 -19.59 33.35
N LEU B 178 26.71 -18.27 33.39
CA LEU B 178 25.61 -17.66 34.12
C LEU B 178 24.48 -17.26 33.17
N THR B 179 23.37 -18.00 33.22
CA THR B 179 22.23 -17.78 32.34
C THR B 179 20.94 -17.55 33.11
N SER B 180 20.86 -18.14 34.29
CA SER B 180 19.66 -18.02 35.13
C SER B 180 19.52 -16.61 35.68
N GLY B 181 18.34 -16.03 35.46
CA GLY B 181 18.01 -14.74 36.04
C GLY B 181 18.47 -13.58 35.19
N VAL B 182 19.03 -13.88 34.03
CA VAL B 182 19.55 -12.84 33.15
C VAL B 182 18.44 -12.25 32.27
N HIS B 183 18.38 -10.92 32.20
CA HIS B 183 17.54 -10.22 31.25
C HIS B 183 18.38 -9.23 30.44
N THR B 184 18.50 -9.46 29.13
CA THR B 184 19.13 -8.49 28.25
C THR B 184 18.03 -7.75 27.49
N PHE B 185 17.90 -6.45 27.77
CA PHE B 185 16.81 -5.68 27.20
C PHE B 185 17.05 -5.38 25.72
N PRO B 186 15.96 -5.16 24.97
CA PRO B 186 16.08 -4.73 23.58
C PRO B 186 16.81 -3.40 23.50
N ALA B 187 17.64 -3.21 22.47
CA ALA B 187 18.32 -1.95 22.28
C ALA B 187 17.34 -0.87 21.89
N VAL B 188 17.64 0.36 22.29
CA VAL B 188 16.91 1.54 21.85
C VAL B 188 17.84 2.44 21.05
N LEU B 189 17.37 2.87 19.88
CA LEU B 189 18.11 3.86 19.11
C LEU B 189 17.85 5.23 19.72
N GLN B 190 18.89 5.82 20.32
CA GLN B 190 18.80 7.10 20.98
C GLN B 190 18.71 8.25 19.97
N SER B 191 18.41 9.46 20.46
CA SER B 191 18.32 10.63 19.58
C SER B 191 19.64 10.93 18.91
N SER B 192 20.74 10.48 19.50
CA SER B 192 22.07 10.67 18.95
C SER B 192 22.33 9.86 17.69
N GLY B 193 21.50 8.85 17.44
CA GLY B 193 21.68 7.93 16.34
C GLY B 193 22.47 6.68 16.72
N LEU B 194 22.79 6.56 18.01
CA LEU B 194 23.47 5.38 18.56
C LEU B 194 22.56 4.55 19.44
N TYR B 195 22.81 3.25 19.47
CA TYR B 195 22.04 2.34 20.31
C TYR B 195 22.54 2.27 21.74
N SER B 196 21.65 1.89 22.64
CA SER B 196 22.07 1.51 23.99
C SER B 196 21.12 0.45 24.53
N LEU B 197 21.63 -0.39 25.42
CA LEU B 197 20.80 -1.36 26.12
C LEU B 197 21.42 -1.65 27.48
N SER B 198 20.65 -2.26 28.38
CA SER B 198 21.22 -2.81 29.62
C SER B 198 21.02 -4.30 29.65
N SER B 199 21.93 -5.02 30.31
CA SER B 199 21.75 -6.42 30.60
C SER B 199 21.87 -6.58 32.11
N VAL B 200 20.91 -7.24 32.74
CA VAL B 200 20.92 -7.39 34.19
C VAL B 200 20.75 -8.84 34.61
N VAL B 201 21.11 -9.13 35.86
CA VAL B 201 20.90 -10.45 36.41
C VAL B 201 20.68 -10.29 37.90
N THR B 202 19.79 -11.11 38.46
CA THR B 202 19.60 -11.15 39.89
C THR B 202 20.36 -12.34 40.47
N VAL B 203 20.99 -12.13 41.62
CA VAL B 203 21.84 -13.13 42.23
C VAL B 203 21.68 -13.09 43.74
N PRO B 204 22.01 -14.20 44.43
CA PRO B 204 21.92 -14.21 45.88
C PRO B 204 22.68 -13.04 46.50
N SER B 205 22.05 -12.31 47.41
CA SER B 205 22.71 -11.15 48.00
C SER B 205 23.88 -11.58 48.87
N SER B 206 23.89 -12.86 49.25
CA SER B 206 24.94 -13.41 50.11
C SER B 206 26.06 -14.06 49.29
N SER B 207 26.16 -13.70 48.01
CA SER B 207 27.20 -14.23 47.14
C SER B 207 28.10 -13.12 46.60
N LEU B 208 27.75 -11.87 46.93
CA LEU B 208 28.52 -10.71 46.49
C LEU B 208 29.87 -10.67 47.18
N GLY B 209 30.94 -10.56 46.41
CA GLY B 209 32.29 -10.55 46.95
C GLY B 209 32.88 -11.93 47.14
N THR B 210 32.09 -12.96 46.86
CA THR B 210 32.55 -14.35 46.92
C THR B 210 32.40 -15.01 45.56
N GLN B 211 31.52 -14.44 44.74
CA GLN B 211 31.33 -14.88 43.35
C GLN B 211 31.61 -13.70 42.43
N THR B 212 32.42 -13.93 41.39
CA THR B 212 32.74 -12.88 40.44
C THR B 212 31.74 -12.87 39.29
N TYR B 213 31.34 -11.66 38.89
CA TYR B 213 30.36 -11.50 37.81
C TYR B 213 30.94 -10.61 36.72
N ILE B 214 31.06 -11.17 35.52
CA ILE B 214 31.64 -10.47 34.38
C ILE B 214 30.67 -10.50 33.22
N CYS B 215 30.26 -9.33 32.73
CA CYS B 215 29.47 -9.29 31.50
C CYS B 215 30.42 -9.23 30.32
N ASN B 216 30.21 -10.13 29.36
CA ASN B 216 31.02 -10.16 28.15
C ASN B 216 30.23 -9.56 27.00
N VAL B 217 30.75 -8.47 26.42
CA VAL B 217 30.06 -7.76 25.37
C VAL B 217 30.84 -7.86 24.07
N ASN B 218 30.17 -8.34 23.02
CA ASN B 218 30.77 -8.44 21.71
C ASN B 218 29.96 -7.67 20.69
N HIS B 219 30.66 -6.89 19.88
CA HIS B 219 30.07 -6.08 18.84
C HIS B 219 30.83 -6.32 17.54
N LYS B 220 30.30 -7.19 16.69
CA LYS B 220 31.01 -7.67 15.50
C LYS B 220 31.34 -6.58 14.47
N PRO B 221 30.39 -5.66 14.19
CA PRO B 221 30.66 -4.64 13.17
C PRO B 221 31.91 -3.78 13.43
N SER B 222 32.28 -3.58 14.69
CA SER B 222 33.48 -2.82 15.02
C SER B 222 34.61 -3.72 15.49
N ASN B 223 34.36 -5.02 15.51
CA ASN B 223 35.35 -6.00 15.96
C ASN B 223 35.89 -5.64 17.35
N THR B 224 34.99 -5.43 18.29
CA THR B 224 35.39 -5.13 19.67
C THR B 224 34.77 -6.10 20.66
N LYS B 225 35.56 -6.45 21.67
CA LYS B 225 35.11 -7.29 22.76
C LYS B 225 35.46 -6.61 24.08
N VAL B 226 34.51 -6.59 25.00
CA VAL B 226 34.69 -5.96 26.29
C VAL B 226 34.21 -6.89 27.39
N ASP B 227 35.09 -7.18 28.33
CA ASP B 227 34.72 -7.91 29.52
C ASP B 227 34.78 -6.94 30.70
N LYS B 228 33.62 -6.69 31.32
CA LYS B 228 33.53 -5.76 32.44
C LYS B 228 33.13 -6.48 33.72
N LYS B 229 34.02 -6.45 34.71
CA LYS B 229 33.72 -7.01 36.02
C LYS B 229 32.81 -6.07 36.79
N VAL B 230 31.71 -6.62 37.29
CA VAL B 230 30.71 -5.85 38.01
C VAL B 230 30.73 -6.24 39.48
N GLU B 231 31.07 -5.28 40.33
CA GLU B 231 31.20 -5.53 41.76
C GLU B 231 30.57 -4.38 42.54
N PRO B 232 30.23 -4.63 43.81
CA PRO B 232 29.70 -3.55 44.65
C PRO B 232 30.76 -2.50 44.95
N LYS B 233 30.41 -1.22 44.83
CA LYS B 233 31.35 -0.16 45.12
C LYS B 233 31.43 0.08 46.63
N SER B 234 32.62 -0.15 47.20
CA SER B 234 32.81 0.02 48.63
C SER B 234 32.90 1.49 49.00
N TYR C 1 -12.90 6.51 3.09
CA TYR C 1 -12.07 5.59 3.92
C TYR C 1 -12.91 4.98 5.03
N ILE C 2 -12.88 3.65 5.11
CA ILE C 2 -13.61 2.93 6.15
C ILE C 2 -12.60 2.45 7.17
N GLY C 3 -12.72 3.00 8.37
CA GLY C 3 -11.79 2.68 9.44
C GLY C 3 -12.09 1.34 10.09
N VAL C 4 -11.04 0.79 10.70
CA VAL C 4 -11.09 -0.51 11.35
C VAL C 4 -10.58 -0.35 12.77
N THR C 5 -11.35 -0.85 13.74
CA THR C 5 -11.00 -0.78 15.15
C THR C 5 -10.96 -2.17 15.75
N GLN C 6 -9.84 -2.51 16.39
CA GLN C 6 -9.72 -3.77 17.11
C GLN C 6 -9.57 -3.45 18.59
N SER C 7 -10.45 -3.98 19.42
CA SER C 7 -10.36 -3.81 20.85
C SER C 7 -11.01 -5.02 21.51
N PRO C 8 -10.41 -5.55 22.60
CA PRO C 8 -9.17 -5.14 23.27
C PRO C 8 -7.93 -5.24 22.40
N ALA C 9 -6.92 -4.45 22.74
CA ALA C 9 -5.63 -4.48 22.07
C ALA C 9 -4.77 -5.62 22.60
N ILE C 10 -5.07 -6.06 23.83
CA ILE C 10 -4.38 -7.20 24.43
C ILE C 10 -5.39 -8.11 25.10
N LEU C 11 -5.34 -9.38 24.76
CA LEU C 11 -6.13 -10.40 25.40
C LEU C 11 -5.23 -11.32 26.18
N SER C 12 -5.49 -11.44 27.47
CA SER C 12 -4.75 -12.33 28.35
C SER C 12 -5.52 -13.64 28.46
N VAL C 13 -4.96 -14.70 27.88
CA VAL C 13 -5.67 -15.95 27.72
C VAL C 13 -4.82 -17.16 28.11
N SER C 14 -5.44 -18.33 28.12
CA SER C 14 -4.79 -19.55 28.58
C SER C 14 -4.95 -20.66 27.56
N LEU C 15 -3.97 -21.55 27.51
CA LEU C 15 -4.08 -22.74 26.67
C LEU C 15 -5.41 -23.47 26.90
N GLY C 16 -6.03 -23.91 25.81
CA GLY C 16 -7.28 -24.66 25.88
C GLY C 16 -8.54 -23.80 25.93
N GLU C 17 -8.37 -22.49 26.06
CA GLU C 17 -9.48 -21.57 26.23
C GLU C 17 -10.15 -21.20 24.90
N ARG C 18 -11.41 -20.75 24.95
CA ARG C 18 -12.11 -20.18 23.80
C ARG C 18 -11.86 -18.67 23.76
N VAL C 19 -11.26 -18.20 22.66
CA VAL C 19 -10.86 -16.80 22.54
C VAL C 19 -11.60 -16.11 21.41
N THR C 20 -12.09 -14.89 21.68
CA THR C 20 -12.84 -14.13 20.71
C THR C 20 -12.16 -12.78 20.45
N LEU C 21 -11.75 -12.59 19.21
CA LEU C 21 -11.14 -11.35 18.75
C LEU C 21 -12.18 -10.53 18.01
N SER C 22 -12.20 -9.23 18.24
CA SER C 22 -13.23 -8.34 17.70
C SER C 22 -12.65 -7.36 16.68
N CYS C 23 -13.41 -7.08 15.64
CA CYS C 23 -13.03 -6.10 14.63
C CYS C 23 -14.28 -5.31 14.28
N LYS C 24 -14.19 -3.99 14.32
CA LYS C 24 -15.35 -3.15 14.03
C LYS C 24 -15.04 -2.12 12.95
N THR C 25 -15.91 -2.05 11.95
CA THR C 25 -15.74 -1.14 10.84
C THR C 25 -16.55 0.14 11.07
N SER C 26 -16.07 1.26 10.54
CA SER C 26 -16.67 2.56 10.85
C SER C 26 -18.00 2.74 10.12
N GLN C 27 -18.20 1.98 9.05
CA GLN C 27 -19.50 1.90 8.41
C GLN C 27 -19.71 0.48 7.91
N ALA C 28 -20.95 0.15 7.57
CA ALA C 28 -21.29 -1.22 7.16
C ALA C 28 -20.52 -1.60 5.90
N ILE C 29 -20.10 -2.87 5.83
CA ILE C 29 -19.35 -3.39 4.68
C ILE C 29 -19.97 -4.70 4.22
N THR C 30 -19.56 -5.17 3.05
CA THR C 30 -19.92 -6.52 2.65
C THR C 30 -18.94 -7.47 3.33
N PRO C 31 -19.43 -8.63 3.78
CA PRO C 31 -18.49 -9.56 4.43
C PRO C 31 -17.39 -10.04 3.48
N ARG C 32 -17.57 -9.81 2.18
CA ARG C 32 -16.58 -10.18 1.19
C ARG C 32 -15.27 -9.44 1.41
N HIS C 33 -15.33 -8.33 2.14
CA HIS C 33 -14.18 -7.45 2.20
C HIS C 33 -13.38 -7.55 3.51
N LEU C 34 -13.79 -8.39 4.44
CA LEU C 34 -13.07 -8.46 5.73
C LEU C 34 -12.07 -9.60 5.78
N VAL C 35 -10.83 -9.27 6.16
CA VAL C 35 -9.70 -10.18 6.13
C VAL C 35 -9.07 -10.22 7.53
N TRP C 36 -8.61 -11.40 7.96
CA TRP C 36 -7.78 -11.56 9.15
C TRP C 36 -6.39 -12.11 8.84
N HIS C 37 -5.40 -11.53 9.51
CA HIS C 37 -4.01 -11.93 9.43
C HIS C 37 -3.50 -12.27 10.83
N ARG C 38 -2.40 -13.02 10.88
CA ARG C 38 -1.65 -13.12 12.12
C ARG C 38 -0.18 -12.82 11.87
N GLN C 39 0.48 -12.26 12.87
CA GLN C 39 1.88 -11.93 12.79
C GLN C 39 2.60 -12.37 14.05
N LYS C 40 3.72 -13.05 13.87
CA LYS C 40 4.58 -13.47 14.97
C LYS C 40 5.90 -12.72 14.90
N GLY C 41 6.28 -12.11 16.01
CA GLY C 41 7.57 -11.46 16.14
C GLY C 41 8.01 -10.52 15.02
N GLY C 42 7.08 -9.69 14.54
CA GLY C 42 7.41 -8.73 13.52
C GLY C 42 7.84 -9.31 12.18
N GLN C 43 7.69 -10.60 12.00
CA GLN C 43 7.90 -11.23 10.69
C GLN C 43 6.72 -10.94 9.76
N ALA C 44 6.85 -11.31 8.49
CA ALA C 44 5.76 -11.16 7.55
C ALA C 44 4.46 -11.74 8.11
N PRO C 45 3.38 -10.95 8.09
CA PRO C 45 2.11 -11.54 8.49
C PRO C 45 1.70 -12.66 7.54
N SER C 46 0.71 -13.45 7.97
CA SER C 46 0.17 -14.50 7.13
C SER C 46 -1.34 -14.50 7.25
N LEU C 47 -1.98 -15.02 6.21
CA LEU C 47 -3.42 -14.96 6.08
C LEU C 47 -4.12 -15.98 6.97
N VAL C 48 -5.17 -15.55 7.68
CA VAL C 48 -5.99 -16.45 8.49
C VAL C 48 -7.38 -16.65 7.88
N MET C 49 -8.06 -15.56 7.54
CA MET C 49 -9.41 -15.58 6.97
C MET C 49 -9.55 -14.56 5.85
N THR C 50 -10.31 -14.91 4.83
CA THR C 50 -10.77 -13.93 3.85
C THR C 50 -12.29 -13.99 3.83
N GLY C 51 -12.92 -12.98 3.21
CA GLY C 51 -14.37 -12.94 3.09
C GLY C 51 -15.09 -13.24 4.39
N THR C 52 -14.56 -12.66 5.48
CA THR C 52 -15.08 -12.84 6.85
C THR C 52 -14.87 -14.24 7.43
N SER C 53 -15.27 -15.28 6.69
CA SER C 53 -15.42 -16.61 7.27
C SER C 53 -14.72 -17.74 6.52
N GLU C 54 -13.97 -17.46 5.45
CA GLU C 54 -13.34 -18.58 4.73
C GLU C 54 -11.86 -18.72 5.12
N ARG C 55 -11.55 -19.86 5.73
CA ARG C 55 -10.21 -20.12 6.25
C ARG C 55 -9.16 -20.20 5.16
N ALA C 56 -8.03 -19.52 5.37
CA ALA C 56 -6.93 -19.54 4.42
C ALA C 56 -6.17 -20.87 4.48
N SER C 57 -5.18 -21.03 3.60
CA SER C 57 -4.44 -22.28 3.52
C SER C 57 -3.69 -22.56 4.82
N GLY C 58 -3.79 -23.81 5.27
CA GLY C 58 -3.09 -24.28 6.45
C GLY C 58 -3.78 -23.93 7.76
N ILE C 59 -4.88 -23.19 7.69
CA ILE C 59 -5.60 -22.77 8.90
C ILE C 59 -6.59 -23.82 9.38
N PRO C 60 -6.39 -24.34 10.60
CA PRO C 60 -7.24 -25.44 11.07
C PRO C 60 -8.64 -24.99 11.51
N ASP C 61 -9.56 -25.95 11.70
CA ASP C 61 -10.96 -25.59 11.88
C ASP C 61 -11.28 -25.05 13.29
N ARG C 62 -10.28 -24.94 14.17
CA ARG C 62 -10.53 -24.27 15.44
C ARG C 62 -10.61 -22.75 15.25
N PHE C 63 -10.23 -22.27 14.06
CA PHE C 63 -10.40 -20.86 13.70
C PHE C 63 -11.73 -20.64 12.97
N ILE C 64 -12.60 -19.79 13.53
CA ILE C 64 -13.90 -19.51 12.94
C ILE C 64 -14.12 -18.01 12.79
N GLY C 65 -14.38 -17.59 11.55
CA GLY C 65 -14.67 -16.20 11.24
C GLY C 65 -16.15 -16.00 11.05
N SER C 66 -16.68 -14.93 11.65
CA SER C 66 -18.09 -14.62 11.52
C SER C 66 -18.32 -13.11 11.63
N GLY C 67 -19.55 -12.68 11.34
CA GLY C 67 -19.92 -11.27 11.44
C GLY C 67 -20.65 -10.69 10.24
N SER C 68 -21.22 -9.51 10.45
CA SER C 68 -21.87 -8.78 9.37
C SER C 68 -22.11 -7.35 9.81
N GLY C 69 -22.57 -6.51 8.89
CA GLY C 69 -22.78 -5.11 9.20
C GLY C 69 -21.46 -4.43 9.50
N THR C 70 -21.25 -4.08 10.77
CA THR C 70 -20.04 -3.41 11.20
C THR C 70 -19.24 -4.23 12.22
N ASP C 71 -19.78 -5.38 12.63
CA ASP C 71 -19.21 -6.15 13.73
C ASP C 71 -18.76 -7.54 13.29
N PHE C 72 -17.47 -7.80 13.43
CA PHE C 72 -16.87 -9.04 12.96
C PHE C 72 -16.01 -9.67 14.04
N THR C 73 -15.92 -10.99 14.02
CA THR C 73 -15.21 -11.73 15.05
C THR C 73 -14.37 -12.85 14.46
N LEU C 74 -13.23 -13.09 15.09
CA LEU C 74 -12.42 -14.26 14.83
C LEU C 74 -12.40 -15.03 16.15
N THR C 75 -12.89 -16.26 16.11
CA THR C 75 -12.97 -17.12 17.28
C THR C 75 -11.97 -18.25 17.14
N ILE C 76 -11.23 -18.52 18.21
CA ILE C 76 -10.38 -19.69 18.30
C ILE C 76 -11.04 -20.58 19.35
N THR C 77 -11.51 -21.76 18.95
CA THR C 77 -12.38 -22.55 19.80
C THR C 77 -11.61 -23.14 20.99
N ARG C 78 -10.33 -23.42 20.77
CA ARG C 78 -9.52 -24.08 21.78
C ARG C 78 -8.07 -23.72 21.53
N LEU C 79 -7.55 -22.79 22.34
CA LEU C 79 -6.27 -22.17 22.06
C LEU C 79 -5.12 -23.13 22.22
N GLU C 80 -4.22 -23.13 21.24
CA GLU C 80 -2.97 -23.89 21.30
C GLU C 80 -1.76 -22.97 21.34
N ALA C 81 -0.61 -23.53 21.70
CA ALA C 81 0.61 -22.73 21.83
C ALA C 81 0.96 -21.98 20.56
N GLU C 82 0.77 -22.62 19.42
CA GLU C 82 1.12 -22.01 18.14
C GLU C 82 0.21 -20.84 17.79
N ASP C 83 -0.90 -20.68 18.51
CA ASP C 83 -1.86 -19.64 18.20
C ASP C 83 -1.49 -18.29 18.78
N PHE C 84 -0.56 -18.25 19.74
CA PHE C 84 -0.15 -16.99 20.34
C PHE C 84 0.58 -16.12 19.31
N ALA C 85 -0.03 -14.97 19.03
CA ALA C 85 0.48 -14.05 18.01
C ALA C 85 -0.29 -12.74 18.11
N VAL C 86 0.03 -11.79 17.25
CA VAL C 86 -0.77 -10.60 17.07
C VAL C 86 -1.69 -10.80 15.86
N TYR C 87 -2.98 -10.52 16.03
CA TYR C 87 -3.94 -10.72 14.96
C TYR C 87 -4.42 -9.36 14.46
N TYR C 88 -4.39 -9.19 13.15
CA TYR C 88 -4.83 -7.93 12.52
C TYR C 88 -6.04 -8.20 11.64
N CYS C 89 -7.08 -7.37 11.73
CA CYS C 89 -8.10 -7.39 10.70
C CYS C 89 -7.80 -6.31 9.67
N GLN C 90 -8.19 -6.56 8.44
CA GLN C 90 -7.96 -5.65 7.32
C GLN C 90 -9.28 -5.52 6.60
N CYS C 91 -9.61 -4.29 6.24
CA CYS C 91 -10.73 -4.02 5.39
C CYS C 91 -10.26 -3.03 4.34
N LEU C 92 -10.12 -3.48 3.10
CA LEU C 92 -9.55 -2.67 2.01
C LEU C 92 -8.17 -2.19 2.46
N GLU C 93 -7.86 -0.90 2.40
CA GLU C 93 -6.52 -0.47 2.71
C GLU C 93 -6.33 -0.25 4.23
N ALA C 94 -7.40 -0.40 5.00
CA ALA C 94 -7.32 -0.14 6.45
C ALA C 94 -6.96 -1.37 7.27
N PHE C 95 -6.05 -1.18 8.23
CA PHE C 95 -5.71 -2.20 9.24
C PHE C 95 -6.16 -1.77 10.63
N GLY C 96 -6.64 -2.73 11.42
CA GLY C 96 -6.81 -2.51 12.85
C GLY C 96 -5.45 -2.40 13.54
N GLN C 97 -5.43 -1.97 14.79
CA GLN C 97 -4.17 -1.75 15.49
C GLN C 97 -3.63 -3.04 16.10
N GLY C 98 -4.40 -4.11 15.92
CA GLY C 98 -3.94 -5.43 16.27
C GLY C 98 -4.40 -5.84 17.65
N THR C 99 -4.61 -7.14 17.83
CA THR C 99 -4.84 -7.71 19.15
C THR C 99 -3.78 -8.75 19.41
N LYS C 100 -3.04 -8.53 20.49
CA LYS C 100 -1.99 -9.44 20.92
C LYS C 100 -2.56 -10.45 21.89
N LEU C 101 -2.32 -11.73 21.65
CA LEU C 101 -2.66 -12.73 22.66
C LEU C 101 -1.49 -12.88 23.62
N GLU C 102 -1.79 -12.81 24.92
CA GLU C 102 -0.79 -12.86 25.97
C GLU C 102 -1.15 -13.99 26.93
N ILE C 103 -0.14 -14.61 27.57
CA ILE C 103 -0.37 -15.72 28.50
C ILE C 103 -0.80 -15.17 29.86
N LYS C 104 -2.01 -15.54 30.27
CA LYS C 104 -2.56 -15.15 31.54
C LYS C 104 -1.85 -15.89 32.68
N ARG C 105 -1.50 -15.16 33.73
CA ARG C 105 -0.97 -15.74 34.97
C ARG C 105 -1.40 -14.88 36.15
N THR C 106 -1.00 -15.25 37.37
CA THR C 106 -1.38 -14.49 38.55
C THR C 106 -0.55 -13.22 38.67
N VAL C 107 -1.11 -12.25 39.38
CA VAL C 107 -0.39 -10.99 39.66
C VAL C 107 0.94 -11.26 40.37
N ALA C 108 2.00 -10.63 39.86
CA ALA C 108 3.31 -10.67 40.49
C ALA C 108 3.87 -9.27 40.56
N ALA C 109 4.18 -8.83 41.77
CA ALA C 109 4.71 -7.48 41.97
C ALA C 109 6.14 -7.39 41.48
N PRO C 110 6.55 -6.24 40.91
CA PRO C 110 7.95 -6.16 40.52
C PRO C 110 8.90 -6.04 41.71
N SER C 111 10.08 -6.61 41.58
CA SER C 111 11.21 -6.29 42.43
C SER C 111 11.90 -5.10 41.80
N VAL C 112 12.16 -4.07 42.60
CA VAL C 112 12.65 -2.80 42.07
C VAL C 112 14.09 -2.48 42.54
N PHE C 113 14.92 -2.02 41.60
CA PHE C 113 16.31 -1.72 41.87
C PHE C 113 16.68 -0.41 41.19
N ILE C 114 17.52 0.40 41.85
CA ILE C 114 18.01 1.60 41.20
C ILE C 114 19.55 1.58 41.18
N PHE C 115 20.10 2.03 40.06
CA PHE C 115 21.55 2.05 39.85
C PHE C 115 22.04 3.46 39.50
N PRO C 116 22.96 4.01 40.31
CA PRO C 116 23.56 5.30 39.94
C PRO C 116 24.54 5.19 38.77
N PRO C 117 24.83 6.30 38.10
CA PRO C 117 25.90 6.33 37.08
C PRO C 117 27.23 5.84 37.65
N SER C 118 28.01 5.14 36.83
CA SER C 118 29.36 4.76 37.21
C SER C 118 30.29 5.96 37.18
N ASP C 119 31.38 5.91 37.94
CA ASP C 119 32.39 6.95 37.88
C ASP C 119 32.96 7.01 36.46
N GLU C 120 33.17 5.85 35.85
CA GLU C 120 33.74 5.81 34.50
C GLU C 120 32.86 6.54 33.49
N GLN C 121 31.54 6.42 33.60
CA GLN C 121 30.66 7.11 32.66
C GLN C 121 30.72 8.62 32.85
N LEU C 122 30.82 9.04 34.11
CA LEU C 122 30.82 10.47 34.43
C LEU C 122 31.98 11.19 33.77
N LYS C 123 33.10 10.49 33.60
CA LYS C 123 34.24 11.05 32.91
C LYS C 123 33.86 11.61 31.54
N SER C 124 32.87 11.01 30.91
CA SER C 124 32.52 11.34 29.53
C SER C 124 31.45 12.42 29.41
N GLY C 125 31.02 12.98 30.53
CA GLY C 125 30.11 14.11 30.50
C GLY C 125 28.64 13.75 30.40
N THR C 126 28.31 12.47 30.54
CA THR C 126 26.93 12.07 30.55
C THR C 126 26.70 11.13 31.72
N ALA C 127 25.48 11.17 32.24
CA ALA C 127 25.12 10.33 33.37
C ALA C 127 23.83 9.57 33.07
N SER C 128 23.90 8.24 33.16
CA SER C 128 22.71 7.41 33.02
C SER C 128 22.31 6.83 34.37
N VAL C 129 21.05 7.02 34.76
CA VAL C 129 20.51 6.40 35.97
C VAL C 129 19.49 5.33 35.54
N VAL C 130 19.61 4.12 36.08
CA VAL C 130 18.76 3.01 35.63
C VAL C 130 17.87 2.49 36.75
N CYS C 131 16.60 2.29 36.41
CA CYS C 131 15.62 1.71 37.32
C CYS C 131 15.16 0.38 36.73
N LEU C 132 15.27 -0.70 37.50
CA LEU C 132 14.91 -2.03 37.05
C LEU C 132 13.68 -2.51 37.78
N LEU C 133 12.67 -2.92 37.02
CA LEU C 133 11.49 -3.59 37.52
C LEU C 133 11.59 -5.05 37.09
N ASN C 134 11.77 -5.97 38.02
CA ASN C 134 12.05 -7.35 37.61
C ASN C 134 10.89 -8.34 37.85
N ASN C 135 10.59 -9.13 36.82
CA ASN C 135 9.66 -10.26 36.92
C ASN C 135 8.26 -9.94 37.47
N PHE C 136 7.53 -9.10 36.75
CA PHE C 136 6.21 -8.66 37.19
C PHE C 136 5.15 -9.07 36.19
N TYR C 137 3.91 -9.03 36.66
CA TYR C 137 2.72 -9.31 35.87
C TYR C 137 1.54 -8.68 36.60
N PRO C 138 0.65 -7.98 35.89
CA PRO C 138 0.62 -7.78 34.43
C PRO C 138 1.62 -6.77 33.90
N ARG C 139 1.55 -6.53 32.59
CA ARG C 139 2.49 -5.66 31.90
C ARG C 139 2.43 -4.20 32.34
N GLU C 140 1.23 -3.72 32.65
CA GLU C 140 1.04 -2.29 32.88
C GLU C 140 1.77 -1.86 34.15
N ALA C 141 2.61 -0.85 34.02
CA ALA C 141 3.39 -0.36 35.14
C ALA C 141 3.73 1.09 34.87
N LYS C 142 3.75 1.89 35.94
CA LYS C 142 4.13 3.30 35.86
C LYS C 142 5.42 3.50 36.64
N VAL C 143 6.41 4.11 35.97
CA VAL C 143 7.70 4.40 36.56
C VAL C 143 7.91 5.88 36.43
N GLN C 144 8.06 6.54 37.58
CA GLN C 144 8.21 7.98 37.64
C GLN C 144 9.55 8.35 38.26
N TRP C 145 10.30 9.21 37.58
CA TRP C 145 11.58 9.68 38.09
C TRP C 145 11.41 11.01 38.81
N LYS C 146 12.09 11.14 39.94
CA LYS C 146 12.12 12.39 40.69
C LYS C 146 13.57 12.73 40.98
N VAL C 147 13.95 13.99 40.75
CA VAL C 147 15.28 14.48 41.13
C VAL C 147 15.12 15.64 42.10
N ASP C 148 15.67 15.50 43.31
CA ASP C 148 15.39 16.42 44.41
C ASP C 148 13.88 16.66 44.53
N ASN C 149 13.14 15.58 44.40
CA ASN C 149 11.69 15.57 44.58
C ASN C 149 10.92 16.29 43.47
N ALA C 150 11.62 16.64 42.39
CA ALA C 150 10.98 17.24 41.22
C ALA C 150 10.70 16.19 40.14
N LEU C 151 9.44 16.10 39.73
CA LEU C 151 9.01 15.15 38.71
C LEU C 151 9.73 15.38 37.37
N GLN C 152 10.38 14.34 36.86
CA GLN C 152 11.10 14.43 35.60
C GLN C 152 10.22 14.06 34.42
N SER C 153 10.45 14.68 33.27
CA SER C 153 9.66 14.39 32.09
C SER C 153 10.47 14.58 30.81
N GLY C 154 10.35 13.63 29.90
CA GLY C 154 10.97 13.75 28.59
C GLY C 154 12.46 13.43 28.54
N ASN C 155 13.02 12.91 29.62
CA ASN C 155 14.43 12.57 29.66
C ASN C 155 14.67 11.13 30.10
N SER C 156 13.65 10.30 30.00
CA SER C 156 13.78 8.88 30.29
C SER C 156 13.17 8.03 29.17
N GLN C 157 13.61 6.78 29.09
CA GLN C 157 13.11 5.85 28.08
C GLN C 157 12.99 4.48 28.73
N GLU C 158 11.95 3.74 28.33
CA GLU C 158 11.67 2.42 28.89
C GLU C 158 11.88 1.36 27.83
N SER C 159 12.42 0.22 28.25
CA SER C 159 12.51 -0.97 27.43
C SER C 159 11.98 -2.16 28.22
N VAL C 160 11.31 -3.08 27.52
CA VAL C 160 10.65 -4.18 28.22
C VAL C 160 11.00 -5.49 27.52
N THR C 161 11.18 -6.55 28.32
CA THR C 161 11.40 -7.86 27.73
C THR C 161 10.10 -8.44 27.22
N GLU C 162 10.23 -9.50 26.42
CA GLU C 162 9.07 -10.30 26.03
C GLU C 162 8.66 -11.17 27.20
N GLN C 163 7.41 -11.60 27.21
CA GLN C 163 6.91 -12.43 28.30
C GLN C 163 7.78 -13.69 28.47
N ASP C 164 8.26 -13.95 29.67
CA ASP C 164 9.18 -15.06 29.92
C ASP C 164 8.53 -16.42 29.66
N SER C 165 9.29 -17.33 29.05
CA SER C 165 8.76 -18.63 28.65
C SER C 165 8.40 -19.53 29.83
N LYS C 166 9.12 -19.38 30.94
CA LYS C 166 8.94 -20.26 32.09
C LYS C 166 7.95 -19.72 33.11
N ASP C 167 8.03 -18.43 33.45
CA ASP C 167 7.15 -17.87 34.46
C ASP C 167 6.14 -16.82 33.92
N SER C 168 6.20 -16.51 32.63
CA SER C 168 5.23 -15.60 31.98
C SER C 168 5.22 -14.18 32.55
N THR C 169 6.34 -13.76 33.11
CA THR C 169 6.47 -12.39 33.64
C THR C 169 7.19 -11.45 32.67
N TYR C 170 7.14 -10.16 32.96
CA TYR C 170 7.87 -9.13 32.23
C TYR C 170 9.00 -8.55 33.09
N SER C 171 10.01 -7.99 32.45
CA SER C 171 10.95 -7.14 33.17
C SER C 171 11.15 -5.86 32.37
N LEU C 172 11.47 -4.77 33.06
CA LEU C 172 11.49 -3.46 32.42
C LEU C 172 12.61 -2.61 32.98
N SER C 173 13.28 -1.87 32.10
CA SER C 173 14.27 -0.88 32.51
C SER C 173 13.75 0.51 32.17
N SER C 174 14.00 1.44 33.07
CA SER C 174 13.79 2.84 32.76
C SER C 174 15.12 3.51 32.97
N THR C 175 15.56 4.23 31.95
CA THR C 175 16.86 4.89 31.96
C THR C 175 16.67 6.39 31.87
N LEU C 176 17.18 7.08 32.89
CA LEU C 176 17.14 8.53 32.94
C LEU C 176 18.50 9.02 32.45
N THR C 177 18.49 9.94 31.48
CA THR C 177 19.74 10.46 30.91
C THR C 177 19.86 11.94 31.24
N LEU C 178 20.98 12.29 31.86
CA LEU C 178 21.24 13.66 32.30
C LEU C 178 22.63 14.05 31.87
N SER C 179 22.85 15.35 31.70
CA SER C 179 24.21 15.83 31.53
C SER C 179 24.96 15.63 32.84
N LYS C 180 26.28 15.50 32.75
CA LYS C 180 27.11 15.40 33.94
C LYS C 180 26.83 16.57 34.88
N ALA C 181 26.79 17.77 34.31
CA ALA C 181 26.57 18.98 35.09
C ALA C 181 25.23 18.95 35.82
N ASP C 182 24.20 18.47 35.15
CA ASP C 182 22.88 18.36 35.78
C ASP C 182 22.90 17.31 36.88
N TYR C 183 23.61 16.21 36.65
CA TYR C 183 23.71 15.15 37.65
C TYR C 183 24.42 15.68 38.92
N GLU C 184 25.52 16.39 38.73
CA GLU C 184 26.30 16.89 39.85
C GLU C 184 25.60 18.04 40.58
N LYS C 185 24.60 18.62 39.93
CA LYS C 185 23.86 19.74 40.50
C LYS C 185 22.85 19.33 41.57
N HIS C 186 22.36 18.09 41.48
CA HIS C 186 21.31 17.62 42.38
C HIS C 186 21.80 16.46 43.25
N LYS C 187 21.01 16.10 44.27
CA LYS C 187 21.42 15.13 45.27
C LYS C 187 20.58 13.83 45.27
N VAL C 188 19.27 13.96 45.38
CA VAL C 188 18.39 12.79 45.55
C VAL C 188 17.79 12.33 44.22
N TYR C 189 18.01 11.06 43.90
CA TYR C 189 17.51 10.46 42.67
C TYR C 189 16.60 9.33 43.07
N ALA C 190 15.39 9.28 42.50
CA ALA C 190 14.41 8.31 42.94
C ALA C 190 13.54 7.86 41.78
N CYS C 191 13.24 6.56 41.74
CA CYS C 191 12.22 6.08 40.80
C CYS C 191 11.11 5.47 41.62
N GLU C 192 9.90 5.89 41.32
CA GLU C 192 8.70 5.44 42.02
C GLU C 192 7.88 4.57 41.09
N VAL C 193 7.56 3.37 41.57
CA VAL C 193 6.88 2.37 40.76
C VAL C 193 5.48 2.11 41.26
N THR C 194 4.53 2.16 40.34
CA THR C 194 3.13 1.86 40.62
C THR C 194 2.74 0.65 39.78
N HIS C 195 2.15 -0.34 40.43
CA HIS C 195 1.81 -1.59 39.78
C HIS C 195 0.73 -2.31 40.58
N GLN C 196 -0.11 -3.07 39.89
CA GLN C 196 -1.22 -3.78 40.54
C GLN C 196 -0.78 -4.67 41.69
N GLY C 197 0.42 -5.22 41.62
CA GLY C 197 0.88 -6.13 42.66
C GLY C 197 1.46 -5.44 43.89
N LEU C 198 1.57 -4.11 43.82
CA LEU C 198 2.07 -3.29 44.93
C LEU C 198 0.90 -2.52 45.56
N SER C 199 0.59 -2.78 46.82
CA SER C 199 -0.52 -2.10 47.49
C SER C 199 -0.35 -0.59 47.47
N SER C 200 0.90 -0.18 47.61
CA SER C 200 1.23 1.24 47.65
C SER C 200 2.50 1.41 46.82
N PRO C 201 2.62 2.53 46.11
CA PRO C 201 3.79 2.65 45.23
C PRO C 201 5.10 2.54 45.99
N VAL C 202 6.08 1.94 45.34
CA VAL C 202 7.39 1.66 45.91
C VAL C 202 8.41 2.61 45.32
N THR C 203 9.20 3.26 46.18
CA THR C 203 10.26 4.17 45.73
C THR C 203 11.64 3.64 46.11
N LYS C 204 12.53 3.57 45.13
CA LYS C 204 13.95 3.28 45.38
C LYS C 204 14.74 4.54 45.06
N SER C 205 15.70 4.86 45.90
CA SER C 205 16.44 6.10 45.74
C SER C 205 17.87 6.01 46.26
N PHE C 206 18.67 6.98 45.84
CA PHE C 206 20.02 7.15 46.36
C PHE C 206 20.36 8.62 46.38
N ASN C 207 21.30 8.98 47.26
CA ASN C 207 21.89 10.31 47.26
C ASN C 207 23.21 10.28 46.50
N ARG C 208 23.36 11.16 45.51
CA ARG C 208 24.61 11.27 44.77
C ARG C 208 25.77 11.44 45.74
N GLY C 209 26.75 10.55 45.64
CA GLY C 209 27.98 10.67 46.40
C GLY C 209 28.07 9.80 47.64
N GLU C 210 26.97 9.17 48.03
CA GLU C 210 26.93 8.39 49.26
C GLU C 210 26.96 6.89 49.01
N CYS C 211 27.74 6.19 49.85
CA CYS C 211 27.92 4.75 49.76
C CYS C 211 26.61 4.00 49.62
C1 NAG D . -37.32 1.91 -21.97
C2 NAG D . -38.61 2.63 -21.60
C3 NAG D . -39.23 3.27 -22.84
C4 NAG D . -38.21 4.16 -23.55
C5 NAG D . -36.93 3.37 -23.82
C6 NAG D . -35.82 4.22 -24.40
C7 NAG D . -40.18 1.97 -19.83
C8 NAG D . -41.12 0.90 -19.34
N2 NAG D . -39.56 1.71 -20.98
O3 NAG D . -40.35 4.05 -22.46
O4 NAG D . -38.75 4.63 -24.78
O5 NAG D . -36.43 2.83 -22.58
O6 NAG D . -35.29 5.10 -23.43
O7 NAG D . -40.01 3.01 -19.20
H2 NAG D . -38.40 3.33 -20.96
H3 NAG D . -39.52 2.57 -23.45
H4 NAG D . -37.99 4.92 -22.97
H5 NAG D . -37.13 2.63 -24.43
H61 NAG D . -36.18 4.73 -25.15
H62 NAG D . -35.12 3.63 -24.73
H81 NAG D . -41.84 0.79 -19.99
H82 NAG D . -41.49 1.17 -18.49
H83 NAG D . -40.63 0.06 -19.24
HN2 NAG D . -39.72 0.92 -21.40
HO3 NAG D . -40.38 4.13 -21.58
HO4 NAG D . -39.52 4.21 -24.95
HO6 NAG D . -35.76 5.03 -22.69
C1 NAG E . -12.07 12.66 -33.13
C2 NAG E . -10.69 12.32 -33.65
C3 NAG E . -10.24 13.38 -34.66
C4 NAG E . -11.26 13.47 -35.79
C5 NAG E . -12.64 13.78 -35.23
C6 NAG E . -13.72 13.76 -36.30
C7 NAG E . -9.04 11.10 -32.27
C8 NAG E . -8.04 11.22 -31.17
N2 NAG E . -9.71 12.22 -32.58
O3 NAG E . -8.96 13.04 -35.15
O4 NAG E . -10.89 14.51 -36.70
O5 NAG E . -13.01 12.78 -34.25
O6 NAG E . -13.75 12.49 -36.94
O7 NAG E . -9.24 10.03 -32.85
H2 NAG E . -10.74 11.46 -34.11
H3 NAG E . -10.20 14.23 -34.20
H4 NAG E . -11.29 12.62 -36.27
H5 NAG E . -12.63 14.65 -34.80
H61 NAG E . -13.53 14.44 -36.96
H62 NAG E . -14.58 13.93 -35.88
H81 NAG E . -7.35 11.86 -31.43
H82 NAG E . -7.64 10.35 -31.00
H83 NAG E . -8.49 11.54 -30.37
HN2 NAG E . -9.50 12.98 -32.13
HO3 NAG E . -8.74 12.22 -34.88
HO4 NAG E . -10.19 14.95 -36.37
HO6 NAG E . -13.29 11.89 -36.45
C1 NAG F . -18.78 -2.02 -2.27
C2 NAG F . -20.11 -2.78 -2.22
C3 NAG F . -20.90 -2.40 -0.96
C4 NAG F . -20.04 -2.53 0.28
C5 NAG F . -18.76 -1.72 0.10
C6 NAG F . -17.83 -1.81 1.28
C7 NAG F . -21.15 -3.47 -4.32
C8 NAG F . -21.95 -3.03 -5.51
N2 NAG F . -20.89 -2.53 -3.41
O3 NAG F . -22.04 -3.25 -0.83
O4 NAG F . -20.75 -2.06 1.42
O5 NAG F . -18.05 -2.23 -1.04
O6 NAG F . -17.65 -3.16 1.68
O7 NAG F . -20.76 -4.63 -4.20
H2 NAG F . -19.91 -3.74 -2.16
H3 NAG F . -21.20 -1.48 -1.05
H4 NAG F . -19.80 -3.47 0.41
H5 NAG F . -18.99 -0.78 -0.06
H61 NAG F . -18.20 -1.31 2.03
H62 NAG F . -16.96 -1.43 1.05
H81 NAG F . -22.83 -2.73 -5.21
H82 NAG F . -22.06 -3.78 -6.13
H83 NAG F . -21.50 -2.29 -5.96
HN2 NAG F . -21.20 -1.69 -3.56
HO3 NAG F . -22.05 -3.85 -1.49
HO4 NAG F . -21.54 -1.78 1.18
HO6 NAG F . -17.48 -3.66 0.96
C1 NAG G . -12.02 23.88 -31.70
C2 NAG G . -12.40 25.31 -31.32
C3 NAG G . -13.86 25.62 -31.65
C4 NAG G . -14.23 25.15 -33.05
C5 NAG G . -13.80 23.71 -33.26
C6 NAG G . -14.06 23.19 -34.66
C7 NAG G . -11.08 26.12 -29.37
C8 NAG G . -10.05 26.63 -30.34
N2 NAG G . -12.16 25.53 -29.89
O3 NAG G . -14.09 27.01 -31.54
O4 NAG G . -15.64 25.23 -33.25
O5 NAG G . -12.38 23.63 -33.05
O6 NAG G . -13.91 21.77 -34.72
O7 NAG G . -10.95 26.25 -28.16
H2 NAG G . -11.83 25.93 -31.84
H3 NAG G . -14.43 25.14 -31.01
H4 NAG G . -13.79 25.72 -33.71
H5 NAG G . -14.26 23.14 -32.61
H61 NAG G . -13.44 23.61 -35.27
H62 NAG G . -14.97 23.43 -34.91
H81 NAG G . -9.69 25.89 -30.85
H82 NAG G . -9.33 27.08 -29.85
H83 NAG G . -10.47 27.27 -30.95
HN2 NAG G . -12.78 25.21 -29.31
HO3 NAG G . -13.34 27.45 -31.70
HO4 NAG G . -16.02 25.46 -32.48
HO6 NAG G . -13.50 21.49 -33.99
C1 NAG H . -16.33 28.99 -24.18
C2 NAG H . -16.38 30.11 -25.23
C3 NAG H . -17.61 30.99 -25.05
C4 NAG H . -18.88 30.15 -24.93
C5 NAG H . -18.69 29.13 -23.81
C6 NAG H . -19.88 28.22 -23.62
C7 NAG H . -14.29 31.06 -26.13
C8 NAG H . -13.12 31.95 -25.84
N2 NAG H . -15.18 30.93 -25.13
O3 NAG H . -17.73 31.87 -26.17
O4 NAG H . -20.01 30.97 -24.65
O5 NAG H . -17.57 28.31 -24.15
O6 NAG H . -19.87 27.16 -24.56
O7 NAG H . -14.43 30.50 -27.20
H2 NAG H . -16.42 29.71 -26.11
H3 NAG H . -17.52 31.52 -24.23
H4 NAG H . -19.03 29.67 -25.78
H5 NAG H . -18.51 29.61 -22.98
H61 NAG H . -20.70 28.73 -23.73
H62 NAG H . -19.85 27.84 -22.72
H81 NAG H . -13.43 32.86 -25.67
H82 NAG H . -12.52 31.95 -26.61
H83 NAG H . -12.65 31.62 -25.06
HN2 NAG H . -15.02 31.38 -24.35
HO3 NAG H . -17.16 31.62 -26.79
HO4 NAG H . -19.79 31.82 -24.79
HO6 NAG H . -19.20 27.27 -25.13
C1 NAG I . -17.31 26.84 -12.44
C2 NAG I . -17.05 28.22 -11.87
C3 NAG I . -17.88 28.41 -10.59
C4 NAG I . -19.35 28.14 -10.87
C5 NAG I . -19.53 26.77 -11.53
C6 NAG I . -20.95 26.53 -12.00
C7 NAG I . -14.84 29.16 -12.37
C8 NAG I . -13.40 29.26 -11.93
N2 NAG I . -15.64 28.42 -11.59
O3 NAG I . -17.72 29.74 -10.11
O4 NAG I . -20.08 28.15 -9.65
O5 NAG I . -18.70 26.68 -12.70
O6 NAG I . -21.89 26.70 -10.96
O7 NAG I . -15.24 29.72 -13.38
H2 NAG I . -17.35 28.89 -12.52
H3 NAG I . -17.57 27.79 -9.92
H4 NAG I . -19.70 28.82 -11.46
H5 NAG I . -19.28 26.07 -10.90
H61 NAG I . -21.02 25.61 -12.34
H62 NAG I . -21.15 27.15 -12.73
H81 NAG I . -13.37 29.70 -11.06
H82 NAG I . -12.90 29.78 -12.58
H83 NAG I . -13.03 28.37 -11.86
HN2 NAG I . -15.28 28.04 -10.85
HO3 NAG I . -17.38 30.25 -10.76
HO4 NAG I . -19.59 27.78 -9.00
HO6 NAG I . -21.59 26.33 -10.22
C1 NAG J . -23.54 16.75 2.67
C2 NAG J . -25.00 16.65 3.12
C3 NAG J . -25.64 18.04 3.12
C4 NAG J . -24.80 19.01 3.93
C5 NAG J . -23.36 19.00 3.46
C6 NAG J . -22.44 19.84 4.30
C7 NAG J . -26.05 14.48 2.60
C8 NAG J . -26.85 13.71 1.59
N2 NAG J . -25.75 15.75 2.25
O3 NAG J . -26.96 17.95 3.65
O4 NAG J . -25.32 20.33 3.81
O5 NAG J . -22.84 17.66 3.52
O6 NAG J . -22.10 19.21 5.53
O7 NAG J . -25.69 13.99 3.66
H2 NAG J . -25.03 16.31 4.03
H3 NAG J . -25.69 18.36 2.19
H4 NAG J . -24.83 18.75 4.87
H5 NAG J . -23.31 19.30 2.53
H61 NAG J . -22.88 20.70 4.50
H62 NAG J . -21.61 20.02 3.81
H81 NAG J . -27.72 14.14 1.47
H82 NAG J . -26.97 12.79 1.91
H83 NAG J . -26.37 13.69 0.73
HN2 NAG J . -26.06 16.06 1.45
HO3 NAG J . -27.14 17.10 3.83
HO4 NAG J . -25.91 20.35 3.14
HO6 NAG J . -22.21 18.33 5.43
C1 NAG K . 1.92 17.72 -11.33
C2 NAG K . 3.06 17.48 -12.33
C3 NAG K . 4.41 17.74 -11.68
C4 NAG K . 4.43 19.11 -11.03
C5 NAG K . 3.25 19.27 -10.07
C6 NAG K . 3.16 20.64 -9.46
C7 NAG K . 2.89 15.84 -14.17
C8 NAG K . 2.80 14.38 -14.51
N2 NAG K . 2.98 16.12 -12.86
O3 NAG K . 5.43 17.65 -12.66
O4 NAG K . 5.65 19.27 -10.30
O5 NAG K . 2.03 19.05 -10.79
O6 NAG K . 3.19 21.65 -10.47
O7 NAG K . 2.91 16.71 -15.03
H2 NAG K . 2.96 18.11 -13.07
H3 NAG K . 4.57 17.05 -11.00
H4 NAG K . 4.38 19.79 -11.72
H5 NAG K . 3.32 18.60 -9.36
H61 NAG K . 3.91 20.77 -8.85
H62 NAG K . 2.32 20.71 -8.96
H81 NAG K . 3.61 13.92 -14.22
H82 NAG K . 2.71 14.29 -15.48
H83 NAG K . 2.03 13.99 -14.07
HN2 NAG K . 2.96 15.44 -12.27
HO3 NAG K . 5.07 17.52 -13.47
HO4 NAG K . 6.18 18.58 -10.46
HO6 NAG K . 2.86 21.33 -11.22
C1 NAG L . 3.33 19.76 -16.43
C2 NAG L . 4.84 19.68 -16.26
C3 NAG L . 5.26 20.27 -14.92
C4 NAG L . 4.67 21.65 -14.72
C5 NAG L . 3.16 21.60 -14.94
C6 NAG L . 2.49 22.96 -14.86
C7 NAG L . 6.20 17.88 -17.25
C8 NAG L . 6.52 16.42 -17.22
N2 NAG L . 5.29 18.30 -16.36
O3 NAG L . 6.69 20.35 -14.90
O4 NAG L . 4.93 22.12 -13.41
O5 NAG L . 2.91 21.09 -16.25
O6 NAG L . 3.02 23.85 -15.82
O7 NAG L . 6.72 18.65 -18.05
H2 NAG L . 5.26 20.20 -16.97
H3 NAG L . 4.97 19.68 -14.19
H4 NAG L . 5.06 22.28 -15.37
H5 NAG L . 2.76 21.01 -14.28
H61 NAG L . 2.62 23.33 -13.97
H62 NAG L . 1.53 22.85 -15.02
H81 NAG L . 6.91 16.19 -16.35
H82 NAG L . 7.16 16.21 -17.92
H83 NAG L . 5.70 15.91 -17.36
HN2 NAG L . 4.92 17.68 -15.80
HO3 NAG L . 7.01 19.97 -15.64
HO4 NAG L . 4.79 21.46 -12.83
HO6 NAG L . 3.60 23.42 -16.35
C1 NAG M . -3.03 25.07 -9.27
C2 NAG M . -1.75 25.74 -9.79
C3 NAG M . -1.34 26.87 -8.85
C4 NAG M . -2.50 27.82 -8.59
C5 NAG M . -3.73 27.03 -8.12
C6 NAG M . -4.95 27.90 -7.97
C7 NAG M . -0.15 24.43 -11.12
C8 NAG M . 0.95 23.42 -11.07
N2 NAG M . -0.68 24.78 -9.94
O3 NAG M . -0.24 27.59 -9.43
O4 NAG M . -2.14 28.75 -7.57
O5 NAG M . -4.04 26.03 -9.09
O6 NAG M . -6.09 27.11 -7.63
O7 NAG M . -0.54 24.93 -12.17
H2 NAG M . -1.95 26.14 -10.66
H3 NAG M . -1.04 26.47 -8.00
H4 NAG M . -2.71 28.30 -9.41
H5 NAG M . -3.52 26.61 -7.27
H61 NAG M . -5.13 28.35 -8.82
H62 NAG M . -4.80 28.56 -7.27
H81 NAG M . 1.71 23.78 -10.57
H82 NAG M . 1.24 23.22 -11.98
H83 NAG M . 0.64 22.61 -10.64
HN2 NAG M . -0.35 24.38 -9.19
HO3 NAG M . -0.11 27.31 -10.26
HO4 NAG M . -1.29 28.63 -7.33
HO6 NAG M . -5.82 26.30 -7.39
C1 NAG N . -18.86 16.59 -30.91
C2 NAG N . -18.94 15.83 -32.23
C3 NAG N . -19.90 16.53 -33.19
C4 NAG N . -21.25 16.76 -32.50
C5 NAG N . -21.06 17.47 -31.18
C6 NAG N . -22.34 17.61 -30.38
C7 NAG N . -16.90 14.57 -32.80
C8 NAG N . -15.56 14.64 -33.45
N2 NAG N . -17.63 15.70 -32.82
O3 NAG N . -20.08 15.73 -34.34
O4 NAG N . -22.09 17.55 -33.35
O5 NAG N . -20.15 16.71 -30.35
O6 NAG N . -22.72 16.38 -29.79
O7 NAG N . -17.34 13.54 -32.29
H2 NAG N . -19.29 14.94 -32.05
H3 NAG N . -19.53 17.39 -33.44
H4 NAG N . -21.68 15.89 -32.35
H5 NAG N . -20.68 18.36 -31.33
H61 NAG N . -23.05 17.90 -30.98
H62 NAG N . -22.22 18.28 -29.68
H81 NAG N . -15.67 14.84 -34.40
H82 NAG N . -15.10 13.79 -33.34
H83 NAG N . -15.03 15.35 -33.03
HN2 NAG N . -17.25 16.44 -33.21
HO3 NAG N . -19.80 14.90 -34.18
HO4 NAG N . -21.72 17.63 -34.15
HO6 NAG N . -22.22 15.73 -30.11
O6 BU3 O . -0.57 4.14 -25.34
C3 BU3 O . -0.72 5.47 -25.67
C4 BU3 O . -2.17 5.84 -25.64
C2 BU3 O . -0.13 5.75 -27.02
O5 BU3 O . -0.70 6.88 -27.57
C1 BU3 O . -0.37 4.59 -27.94
HO6 BU3 O . 0.28 3.92 -25.40
H3 BU3 O . -0.26 6.01 -25.01
H41 BU3 O . -2.26 6.79 -25.74
H42 BU3 O . -2.55 5.54 -24.80
H43 BU3 O . -2.62 5.39 -26.38
H2 BU3 O . 0.83 5.88 -26.92
HO5 BU3 O . -1.42 6.65 -28.02
H11 BU3 O . -0.20 4.87 -28.86
H12 BU3 O . -1.27 4.29 -27.86
H13 BU3 O . 0.25 3.87 -27.72
O6 BU3 P . 0.49 0.13 -19.77
C3 BU3 P . -0.56 0.54 -20.57
C4 BU3 P . -0.97 -0.62 -21.41
C2 BU3 P . -0.12 1.72 -21.37
O5 BU3 P . -0.99 1.98 -22.40
C1 BU3 P . 1.25 1.52 -21.93
HO6 BU3 P . 0.17 -0.13 -18.98
H3 BU3 P . -1.31 0.78 -20.00
H41 BU3 P . -1.62 -0.33 -22.06
H42 BU3 P . -1.36 -1.31 -20.85
H43 BU3 P . -0.20 -0.98 -21.88
H2 BU3 P . -0.10 2.50 -20.78
HO5 BU3 P . -1.82 1.91 -22.10
H11 BU3 P . 1.40 2.14 -22.66
H12 BU3 P . 1.33 0.61 -22.24
H13 BU3 P . 1.91 1.68 -21.23
#